data_7YU2
#
_entry.id   7YU2
#
_cell.length_a   70.270
_cell.length_b   144.022
_cell.length_c   128.262
_cell.angle_alpha   90.000
_cell.angle_beta   90.000
_cell.angle_gamma   90.000
#
_symmetry.space_group_name_H-M   'C 2 2 21'
#
loop_
_entity.id
_entity.type
_entity.pdbx_description
1 polymer '6-aminohexanoate-oligomer endohydrolase'
2 non-polymer GLYCEROL
3 non-polymer 'SULFATE ION'
4 water water
#
_entity_poly.entity_id   1
_entity_poly.type   'polypeptide(L)'
_entity_poly.pdbx_seq_one_letter_code
;MNTTPVHALTDIDGGIAVDPAPRLAGPPVFGGPGNDAFDLAPVRSTGREMLRFDFPGVSIGAAHYEEGPTGATVIHIPAG
ARTAVDARGGAVGLSGGYDFNHAICLAGGAGYGLEAGAGVSGALLERLEYRTGFAELQLVSSAVIYDFSARSTAVYPDKA
LGRAALEFAVPGEFPQGRAGAGMSASAGKVDWDRTEITGQGAAFRRLGDVRILAVVVPNPVGVIVDRAGTVVRGNYDAQT
GVRRHPVFDYQEAFAEQVPPVTEAGNCTISAIVTNVRMSPVELNQFAKQVHSSMHRGIQPFHTDMDGDTLFAVTTDEIDL
PTTPGSSRGRLSVNATALGAIASEVMWDAVLEAGK
;
_entity_poly.pdbx_strand_id   A,B
#
loop_
_chem_comp.id
_chem_comp.type
_chem_comp.name
_chem_comp.formula
GOL non-polymer GLYCEROL 'C3 H8 O3'
SO4 non-polymer 'SULFATE ION' 'O4 S -2'
#
# COMPACT_ATOMS: atom_id res chain seq x y z
N ASP A 19 -15.42 2.88 -35.89
CA ASP A 19 -13.97 2.89 -36.20
C ASP A 19 -13.46 4.27 -35.82
N PRO A 20 -13.17 4.54 -34.51
CA PRO A 20 -12.77 5.88 -34.12
C PRO A 20 -11.41 6.21 -34.67
N ALA A 21 -11.25 7.50 -34.87
CA ALA A 21 -9.95 8.03 -35.31
C ALA A 21 -8.86 7.67 -34.33
N PRO A 22 -7.64 7.38 -34.83
CA PRO A 22 -6.54 7.04 -33.95
C PRO A 22 -6.14 8.19 -33.04
N ARG A 23 -5.65 7.78 -31.87
CA ARG A 23 -4.98 8.67 -30.92
C ARG A 23 -3.66 8.04 -30.51
N LEU A 24 -2.74 7.79 -31.43
CA LEU A 24 -1.46 7.15 -31.08
C LEU A 24 -0.72 8.03 -30.05
N ALA A 25 -0.17 7.38 -29.06
CA ALA A 25 0.59 8.09 -28.03
C ALA A 25 1.92 8.56 -28.60
N GLY A 26 2.48 7.78 -29.50
CA GLY A 26 3.79 8.09 -30.04
C GLY A 26 4.91 7.41 -29.24
N PRO A 27 6.12 7.42 -29.83
CA PRO A 27 7.25 6.67 -29.30
C PRO A 27 7.65 7.27 -27.97
N PRO A 28 7.76 6.42 -26.93
CA PRO A 28 8.20 6.92 -25.64
C PRO A 28 9.68 7.30 -25.60
N VAL A 29 9.97 8.34 -24.82
CA VAL A 29 11.33 8.76 -24.39
C VAL A 29 11.72 8.22 -22.98
N PHE A 30 10.76 7.96 -22.11
CA PHE A 30 11.04 7.39 -20.75
C PHE A 30 11.97 8.33 -19.93
N GLY A 31 11.62 9.64 -19.92
CA GLY A 31 12.29 10.66 -19.08
C GLY A 31 11.92 12.08 -19.55
N GLY A 32 12.70 13.14 -19.27
CA GLY A 32 12.32 14.55 -19.48
C GLY A 32 12.26 15.24 -18.12
N PRO A 33 11.77 16.50 -18.03
CA PRO A 33 11.82 17.26 -16.77
C PRO A 33 10.85 16.66 -15.75
N GLY A 34 11.26 16.76 -14.48
CA GLY A 34 10.45 16.29 -13.35
C GLY A 34 9.84 17.44 -12.54
N ASN A 35 9.22 17.06 -11.43
CA ASN A 35 8.42 18.00 -10.64
C ASN A 35 9.24 19.25 -10.23
N ASP A 36 10.48 19.02 -9.82
CA ASP A 36 11.34 20.12 -9.26
C ASP A 36 11.70 21.18 -10.33
N ALA A 37 11.44 20.89 -11.60
CA ALA A 37 11.80 21.77 -12.72
C ALA A 37 10.74 22.87 -12.91
N PHE A 38 9.56 22.71 -12.34
CA PHE A 38 8.40 23.56 -12.61
C PHE A 38 7.84 24.10 -11.29
N ASP A 39 7.15 25.22 -11.45
CA ASP A 39 6.19 25.72 -10.46
C ASP A 39 4.82 25.12 -10.76
N LEU A 40 4.56 23.93 -10.23
CA LEU A 40 3.43 23.14 -10.77
C LEU A 40 2.11 23.76 -10.33
N ALA A 41 1.24 24.02 -11.27
CA ALA A 41 -0.06 24.65 -11.04
C ALA A 41 -1.15 23.62 -11.21
N PRO A 42 -1.84 23.22 -10.15
CA PRO A 42 -2.97 22.32 -10.38
C PRO A 42 -4.05 22.95 -11.26
N VAL A 43 -4.60 22.13 -12.14
CA VAL A 43 -5.72 22.53 -13.00
C VAL A 43 -6.87 21.62 -12.64
N ARG A 44 -8.07 22.20 -12.52
CA ARG A 44 -9.30 21.43 -12.37
C ARG A 44 -9.60 20.77 -13.70
N SER A 45 -9.67 19.45 -13.73
CA SER A 45 -9.88 18.74 -15.00
C SER A 45 -11.36 18.81 -15.37
N THR A 46 -11.65 19.15 -16.62
CA THR A 46 -13.05 19.15 -17.10
C THR A 46 -13.28 18.05 -18.14
N GLY A 47 -12.22 17.52 -18.72
CA GLY A 47 -12.34 16.48 -19.74
C GLY A 47 -13.11 16.93 -20.95
N ARG A 48 -13.62 15.98 -21.71
CA ARG A 48 -14.35 16.27 -22.95
C ARG A 48 -15.81 16.56 -22.72
N GLU A 49 -16.34 16.05 -21.62
CA GLU A 49 -17.72 16.27 -21.21
C GLU A 49 -17.91 15.82 -19.79
N MET A 50 -18.98 16.29 -19.18
CA MET A 50 -19.28 15.98 -17.76
CA MET A 50 -19.32 16.01 -17.76
C MET A 50 -20.45 15.00 -17.70
N LEU A 51 -20.23 13.90 -17.00
CA LEU A 51 -21.34 13.02 -16.60
C LEU A 51 -21.93 13.60 -15.33
N ARG A 52 -23.25 13.69 -15.31
CA ARG A 52 -24.00 14.14 -14.14
C ARG A 52 -24.83 12.98 -13.63
N PHE A 53 -24.84 12.85 -12.33
CA PHE A 53 -25.59 11.78 -11.67
C PHE A 53 -25.96 12.18 -10.24
N ASP A 54 -26.83 11.42 -9.61
CA ASP A 54 -27.39 11.66 -8.28
C ASP A 54 -26.96 10.52 -7.37
N PHE A 55 -25.99 10.79 -6.53
CA PHE A 55 -25.50 9.78 -5.56
C PHE A 55 -25.11 10.50 -4.28
N PRO A 56 -26.07 10.78 -3.39
CA PRO A 56 -25.73 11.50 -2.20
C PRO A 56 -24.62 10.82 -1.40
N GLY A 57 -23.75 11.68 -0.89
CA GLY A 57 -22.66 11.27 -0.01
C GLY A 57 -21.39 10.90 -0.74
N VAL A 58 -21.39 10.98 -2.06
CA VAL A 58 -20.23 10.66 -2.90
C VAL A 58 -19.91 11.95 -3.67
N SER A 59 -18.67 12.33 -3.65
CA SER A 59 -18.13 13.49 -4.42
CA SER A 59 -18.18 13.46 -4.50
C SER A 59 -16.95 13.00 -5.27
N ILE A 60 -16.70 13.66 -6.39
CA ILE A 60 -15.53 13.33 -7.25
C ILE A 60 -14.83 14.61 -7.60
N GLY A 61 -13.51 14.58 -7.49
CA GLY A 61 -12.65 15.69 -7.93
C GLY A 61 -11.57 15.16 -8.81
N ALA A 62 -11.14 15.96 -9.80
CA ALA A 62 -10.07 15.57 -10.68
C ALA A 62 -9.21 16.80 -10.92
N ALA A 63 -7.91 16.58 -10.83
CA ALA A 63 -6.95 17.66 -11.07
C ALA A 63 -5.80 17.12 -11.89
N HIS A 64 -5.16 18.00 -12.65
CA HIS A 64 -4.00 17.57 -13.42
C HIS A 64 -2.94 18.67 -13.47
N TYR A 65 -1.74 18.24 -13.81
CA TYR A 65 -0.67 19.16 -14.19
C TYR A 65 -0.54 19.05 -15.70
N GLU A 66 -0.69 20.17 -16.39
CA GLU A 66 -0.44 20.23 -17.83
C GLU A 66 1.03 19.88 -18.14
N GLU A 67 1.93 20.15 -17.18
CA GLU A 67 3.36 19.90 -17.33
CA GLU A 67 3.36 19.93 -17.47
C GLU A 67 3.68 18.45 -17.60
N GLY A 68 2.81 17.56 -17.15
CA GLY A 68 3.04 16.14 -17.39
C GLY A 68 2.82 15.79 -18.86
N PRO A 69 1.58 15.74 -19.35
CA PRO A 69 0.36 15.89 -18.56
C PRO A 69 0.10 14.63 -17.74
N THR A 70 -0.40 14.80 -16.51
CA THR A 70 -0.69 13.68 -15.63
C THR A 70 -1.67 14.22 -14.61
N GLY A 71 -2.40 13.33 -13.92
CA GLY A 71 -3.36 13.80 -12.94
C GLY A 71 -3.80 12.77 -11.93
N ALA A 72 -4.75 13.20 -11.14
CA ALA A 72 -5.35 12.42 -10.05
C ALA A 72 -6.82 12.62 -10.02
N THR A 73 -7.55 11.55 -9.72
CA THR A 73 -8.99 11.56 -9.56
C THR A 73 -9.34 11.00 -8.17
N VAL A 74 -10.11 11.75 -7.41
CA VAL A 74 -10.43 11.40 -6.02
C VAL A 74 -11.93 11.23 -5.90
N ILE A 75 -12.30 10.08 -5.34
CA ILE A 75 -13.69 9.77 -4.95
C ILE A 75 -13.72 9.96 -3.42
N HIS A 76 -14.49 10.95 -2.97
CA HIS A 76 -14.62 11.34 -1.57
C HIS A 76 -15.95 10.87 -1.05
N ILE A 77 -15.91 10.06 0.01
CA ILE A 77 -17.14 9.64 0.69
CA ILE A 77 -17.13 9.53 0.74
C ILE A 77 -16.96 10.05 2.16
N PRO A 78 -17.37 11.28 2.52
CA PRO A 78 -16.96 11.81 3.82
C PRO A 78 -17.35 10.97 5.02
N ALA A 79 -18.50 10.28 4.92
CA ALA A 79 -18.99 9.42 6.01
C ALA A 79 -18.09 8.22 6.19
N GLY A 80 -17.32 7.84 5.19
CA GLY A 80 -16.59 6.61 5.14
C GLY A 80 -17.48 5.48 4.63
N ALA A 81 -16.88 4.55 3.94
CA ALA A 81 -17.60 3.41 3.32
C ALA A 81 -16.77 2.13 3.34
N ARG A 82 -17.47 1.07 3.68
CA ARG A 82 -16.89 -0.28 3.57
CA ARG A 82 -16.88 -0.27 3.58
C ARG A 82 -16.41 -0.51 2.15
N THR A 83 -15.26 -1.16 2.02
CA THR A 83 -14.57 -1.35 0.77
C THR A 83 -13.96 -2.74 0.70
N ALA A 84 -14.01 -3.33 -0.49
CA ALA A 84 -13.21 -4.50 -0.84
C ALA A 84 -12.25 -4.11 -1.95
N VAL A 85 -11.05 -4.66 -1.91
CA VAL A 85 -9.99 -4.41 -2.91
C VAL A 85 -9.70 -5.70 -3.60
N ASP A 86 -9.66 -5.67 -4.93
CA ASP A 86 -9.24 -6.81 -5.72
C ASP A 86 -8.10 -6.38 -6.65
N ALA A 87 -6.89 -6.90 -6.46
N ALA A 87 -6.91 -6.52 -6.06
CA ALA A 87 -5.69 -6.50 -7.23
CA ALA A 87 -5.59 -6.23 -6.67
C ALA A 87 -5.14 -7.71 -8.00
C ALA A 87 -5.16 -7.49 -7.43
N ARG A 88 -4.76 -7.51 -9.25
N ARG A 88 -5.70 -7.71 -8.61
CA ARG A 88 -4.30 -8.60 -10.10
CA ARG A 88 -5.64 -9.02 -9.31
C ARG A 88 -3.17 -8.09 -10.97
C ARG A 88 -4.47 -9.06 -10.29
N GLY A 89 -2.30 -9.00 -11.38
N GLY A 89 -4.02 -7.89 -10.77
CA GLY A 89 -1.16 -8.74 -12.26
CA GLY A 89 -2.91 -7.69 -11.71
C GLY A 89 0.15 -8.48 -11.53
C GLY A 89 -1.59 -8.15 -11.14
N GLY A 90 1.22 -8.22 -12.30
N GLY A 90 -0.58 -8.41 -11.99
CA GLY A 90 2.54 -8.09 -11.68
CA GLY A 90 0.82 -8.70 -11.62
C GLY A 90 2.97 -6.66 -11.41
C GLY A 90 1.72 -7.49 -11.34
N ALA A 91 2.20 -5.66 -11.80
N ALA A 91 1.30 -6.26 -11.59
CA ALA A 91 2.60 -4.24 -11.74
CA ALA A 91 2.19 -5.07 -11.45
C ALA A 91 1.60 -3.43 -10.89
C ALA A 91 1.46 -3.93 -10.70
N VAL A 92 0.98 -4.05 -9.91
N VAL A 92 0.79 -4.28 -9.61
CA VAL A 92 0.04 -3.31 -9.02
CA VAL A 92 -0.11 -3.34 -8.91
C VAL A 92 0.79 -2.23 -8.24
C VAL A 92 0.71 -2.26 -8.19
N GLY A 93 0.21 -1.02 -8.23
CA GLY A 93 0.68 0.06 -7.38
C GLY A 93 -0.46 0.52 -6.50
N LEU A 94 -0.40 0.12 -5.22
CA LEU A 94 -1.49 0.30 -4.28
C LEU A 94 -0.93 0.80 -2.95
N SER A 95 -1.65 1.74 -2.34
CA SER A 95 -1.42 2.19 -0.97
C SER A 95 -2.70 2.05 -0.16
N GLY A 96 -2.55 1.55 1.07
CA GLY A 96 -3.65 1.46 2.02
C GLY A 96 -4.47 0.21 1.77
N GLY A 97 -5.25 0.20 0.70
CA GLY A 97 -6.09 -0.97 0.43
C GLY A 97 -7.01 -1.31 1.57
N TYR A 98 -7.53 -0.30 2.21
CA TYR A 98 -8.29 -0.45 3.46
C TYR A 98 -9.65 -1.03 3.17
N ASP A 99 -10.20 -1.67 4.20
CA ASP A 99 -11.56 -2.21 4.17
C ASP A 99 -12.62 -1.18 4.52
N PHE A 100 -12.23 0.08 4.69
CA PHE A 100 -13.12 1.19 5.02
C PHE A 100 -12.35 2.43 4.51
N ASN A 101 -13.01 3.28 3.74
CA ASN A 101 -12.32 4.45 3.18
C ASN A 101 -13.20 5.65 3.22
N HIS A 102 -12.53 6.79 3.48
CA HIS A 102 -13.10 8.12 3.27
C HIS A 102 -12.80 8.64 1.86
N ALA A 103 -11.79 8.11 1.22
CA ALA A 103 -11.51 8.48 -0.19
C ALA A 103 -10.76 7.37 -0.90
N ILE A 104 -10.93 7.37 -2.21
CA ILE A 104 -10.14 6.54 -3.14
C ILE A 104 -9.45 7.52 -4.09
N CYS A 105 -8.12 7.38 -4.18
CA CYS A 105 -7.32 8.27 -5.03
C CYS A 105 -6.69 7.44 -6.15
N LEU A 106 -7.08 7.80 -7.38
CA LEU A 106 -6.51 7.14 -8.57
C LEU A 106 -5.55 8.14 -9.24
N ALA A 107 -4.36 7.71 -9.66
CA ALA A 107 -3.42 8.71 -10.19
C ALA A 107 -2.47 8.10 -11.20
N GLY A 108 -1.90 8.98 -12.04
CA GLY A 108 -0.78 8.61 -12.89
C GLY A 108 0.53 8.68 -12.08
N GLY A 109 1.64 8.62 -12.82
CA GLY A 109 2.96 8.69 -12.23
C GLY A 109 3.54 7.44 -11.63
N ALA A 110 2.95 6.30 -11.94
CA ALA A 110 3.42 5.03 -11.39
C ALA A 110 3.48 5.17 -9.86
N GLY A 111 4.37 4.42 -9.22
CA GLY A 111 4.39 4.42 -7.75
C GLY A 111 4.63 5.78 -7.17
N TYR A 112 5.27 6.70 -7.91
CA TYR A 112 5.50 8.04 -7.42
C TYR A 112 4.18 8.75 -7.18
N GLY A 113 3.18 8.47 -8.00
CA GLY A 113 1.90 9.13 -7.90
C GLY A 113 1.04 8.66 -6.72
N LEU A 114 1.49 7.64 -5.98
CA LEU A 114 0.81 7.32 -4.73
C LEU A 114 0.93 8.49 -3.77
N GLU A 115 1.86 9.39 -3.99
CA GLU A 115 1.98 10.59 -3.15
C GLU A 115 0.69 11.43 -3.18
N ALA A 116 -0.03 11.41 -4.29
CA ALA A 116 -1.27 12.20 -4.31
C ALA A 116 -2.20 11.77 -3.20
N GLY A 117 -2.30 10.49 -2.90
CA GLY A 117 -3.16 10.04 -1.85
C GLY A 117 -2.78 10.57 -0.48
N ALA A 118 -1.49 10.77 -0.27
CA ALA A 118 -1.01 11.38 1.00
C ALA A 118 -1.54 12.80 1.12
N GLY A 119 -1.61 13.53 0.00
CA GLY A 119 -2.21 14.87 0.01
C GLY A 119 -3.64 14.81 0.46
N VAL A 120 -4.38 13.88 -0.04
CA VAL A 120 -5.78 13.70 0.39
C VAL A 120 -5.80 13.36 1.88
N SER A 121 -5.03 12.40 2.32
CA SER A 121 -5.04 11.97 3.75
C SER A 121 -4.72 13.15 4.66
N GLY A 122 -3.67 13.90 4.35
CA GLY A 122 -3.29 15.02 5.23
C GLY A 122 -4.38 16.07 5.29
N ALA A 123 -4.99 16.38 4.13
CA ALA A 123 -6.10 17.31 4.07
C ALA A 123 -7.26 16.82 4.91
N LEU A 124 -7.58 15.54 4.88
CA LEU A 124 -8.70 15.05 5.67
C LEU A 124 -8.36 15.14 7.17
N LEU A 125 -7.11 14.92 7.57
CA LEU A 125 -6.75 15.10 8.98
C LEU A 125 -7.00 16.55 9.43
N GLU A 126 -6.65 17.51 8.57
CA GLU A 126 -6.83 18.92 8.88
C GLU A 126 -8.33 19.19 8.99
N ARG A 127 -9.14 18.60 8.12
CA ARG A 127 -10.62 18.83 8.18
C ARG A 127 -11.21 18.21 9.47
N LEU A 128 -10.56 17.14 9.99
CA LEU A 128 -10.96 16.52 11.26
C LEU A 128 -10.44 17.25 12.47
N GLU A 129 -9.84 18.40 12.27
CA GLU A 129 -9.30 19.20 13.39
C GLU A 129 -8.24 18.43 14.15
N TYR A 130 -7.49 17.60 13.44
CA TYR A 130 -6.31 16.87 13.93
C TYR A 130 -6.64 15.90 15.06
N ARG A 131 -7.88 15.38 15.11
CA ARG A 131 -8.22 14.24 15.97
C ARG A 131 -7.56 12.99 15.41
N THR A 132 -7.07 12.16 16.32
CA THR A 132 -6.25 10.98 15.98
C THR A 132 -6.71 9.69 16.65
N GLY A 133 -7.89 9.68 17.24
CA GLY A 133 -8.42 8.41 17.76
C GLY A 133 -8.48 7.36 16.68
N PHE A 134 -8.30 6.11 17.06
CA PHE A 134 -8.19 5.05 16.07
C PHE A 134 -9.45 5.06 15.20
N ALA A 135 -10.62 5.18 15.80
CA ALA A 135 -11.88 5.15 15.03
C ALA A 135 -12.10 6.39 14.18
N GLU A 136 -11.29 7.41 14.31
CA GLU A 136 -11.39 8.69 13.57
C GLU A 136 -10.29 8.78 12.51
N LEU A 137 -9.47 7.75 12.35
CA LEU A 137 -8.44 7.82 11.31
C LEU A 137 -9.10 8.03 9.95
N GLN A 138 -8.55 8.96 9.15
CA GLN A 138 -9.08 9.23 7.79
C GLN A 138 -8.32 8.32 6.84
N LEU A 139 -9.06 7.46 6.14
CA LEU A 139 -8.49 6.35 5.40
C LEU A 139 -8.68 6.64 3.88
N VAL A 140 -7.53 6.62 3.22
CA VAL A 140 -7.48 6.85 1.78
C VAL A 140 -6.74 5.68 1.16
N SER A 141 -7.38 4.99 0.22
CA SER A 141 -6.70 3.99 -0.56
C SER A 141 -6.39 4.61 -1.91
N SER A 142 -5.18 4.34 -2.37
CA SER A 142 -4.68 4.92 -3.65
C SER A 142 -4.19 3.83 -4.56
N ALA A 143 -4.38 4.04 -5.86
CA ALA A 143 -3.84 3.18 -6.89
C ALA A 143 -3.33 4.03 -8.03
N VAL A 144 -2.38 3.48 -8.76
CA VAL A 144 -1.69 4.24 -9.82
C VAL A 144 -1.58 3.46 -11.11
N ILE A 145 -1.43 4.26 -12.16
CA ILE A 145 -1.05 3.75 -13.49
C ILE A 145 0.33 4.25 -13.89
N TYR A 146 1.02 3.45 -14.68
CA TYR A 146 2.28 3.82 -15.27
C TYR A 146 1.99 4.62 -16.54
N ASP A 147 2.09 5.94 -16.49
CA ASP A 147 1.71 6.77 -17.63
C ASP A 147 2.91 7.49 -18.19
N PHE A 148 4.12 7.05 -17.84
CA PHE A 148 5.36 7.73 -18.31
C PHE A 148 5.64 7.40 -19.80
N SER A 149 5.12 6.34 -20.36
CA SER A 149 5.33 5.96 -21.78
C SER A 149 4.61 6.94 -22.68
N ALA A 150 3.59 7.62 -22.18
CA ALA A 150 2.66 8.43 -23.00
C ALA A 150 3.06 9.91 -23.04
N ARG A 151 4.19 10.28 -22.47
CA ARG A 151 4.61 11.71 -22.45
CA ARG A 151 4.63 11.70 -22.47
C ARG A 151 6.11 11.75 -22.23
N SER A 152 6.71 12.82 -22.51
CA SER A 152 8.17 13.05 -22.48
C SER A 152 8.52 13.90 -21.25
N THR A 153 7.89 13.64 -20.13
CA THR A 153 8.25 14.28 -18.84
C THR A 153 8.21 13.25 -17.71
N ALA A 154 8.82 13.61 -16.60
CA ALA A 154 8.81 12.77 -15.39
C ALA A 154 7.96 13.40 -14.28
N VAL A 155 7.09 14.34 -14.63
CA VAL A 155 6.17 14.93 -13.65
C VAL A 155 5.25 13.84 -13.12
N TYR A 156 4.99 13.85 -11.85
CA TYR A 156 4.01 12.91 -11.26
C TYR A 156 3.06 13.64 -10.34
N PRO A 157 1.86 13.06 -10.14
CA PRO A 157 0.94 13.58 -9.14
C PRO A 157 1.57 13.54 -7.74
N ASP A 158 1.59 14.71 -7.12
CA ASP A 158 2.24 14.94 -5.84
C ASP A 158 1.16 15.23 -4.78
N LYS A 159 1.66 15.48 -3.56
CA LYS A 159 0.77 15.73 -2.45
C LYS A 159 -0.15 16.91 -2.79
N ALA A 160 0.41 17.98 -3.37
CA ALA A 160 -0.37 19.15 -3.71
C ALA A 160 -1.47 18.81 -4.74
N LEU A 161 -1.19 17.93 -5.68
CA LEU A 161 -2.20 17.60 -6.72
C LEU A 161 -3.32 16.77 -6.10
N GLY A 162 -3.02 15.86 -5.17
CA GLY A 162 -4.07 15.11 -4.50
C GLY A 162 -4.92 15.99 -3.67
N ARG A 163 -4.31 16.94 -2.97
CA ARG A 163 -5.11 17.90 -2.20
CA ARG A 163 -5.06 17.96 -2.19
C ARG A 163 -6.00 18.70 -3.15
N ALA A 164 -5.48 19.17 -4.28
CA ALA A 164 -6.28 19.95 -5.23
C ALA A 164 -7.48 19.12 -5.71
N ALA A 165 -7.24 17.85 -6.05
CA ALA A 165 -8.35 16.99 -6.53
C ALA A 165 -9.45 16.90 -5.46
N LEU A 166 -9.03 16.72 -4.20
CA LEU A 166 -10.04 16.70 -3.12
C LEU A 166 -10.78 18.06 -3.04
N GLU A 167 -10.04 19.17 -3.10
CA GLU A 167 -10.63 20.49 -3.03
C GLU A 167 -11.63 20.73 -4.17
N PHE A 168 -11.37 20.16 -5.32
CA PHE A 168 -12.22 20.32 -6.52
C PHE A 168 -13.41 19.35 -6.50
N ALA A 169 -13.49 18.46 -5.51
CA ALA A 169 -14.51 17.41 -5.56
C ALA A 169 -15.88 18.03 -5.36
N VAL A 170 -16.82 17.59 -6.15
CA VAL A 170 -18.22 17.98 -6.02
C VAL A 170 -19.11 16.79 -6.22
N PRO A 171 -20.33 16.86 -5.65
CA PRO A 171 -21.27 15.79 -5.87
C PRO A 171 -21.74 15.72 -7.33
N GLY A 172 -21.94 14.50 -7.83
CA GLY A 172 -22.82 14.33 -8.99
C GLY A 172 -22.16 14.72 -10.31
N GLU A 173 -20.83 14.83 -10.39
CA GLU A 173 -20.15 15.18 -11.63
C GLU A 173 -18.92 14.29 -11.82
N PHE A 174 -18.67 13.93 -13.07
CA PHE A 174 -17.43 13.26 -13.45
C PHE A 174 -16.96 13.74 -14.79
N PRO A 175 -15.69 14.17 -14.89
CA PRO A 175 -15.14 14.64 -16.17
C PRO A 175 -14.61 13.45 -16.98
N GLN A 176 -15.29 13.18 -18.07
CA GLN A 176 -14.92 12.07 -18.96
C GLN A 176 -13.68 12.42 -19.77
N GLY A 177 -12.93 11.39 -20.12
CA GLY A 177 -11.83 11.52 -21.07
C GLY A 177 -10.52 11.90 -20.45
N ARG A 178 -9.82 12.85 -21.07
CA ARG A 178 -8.47 13.22 -20.61
C ARG A 178 -8.62 14.20 -19.44
N ALA A 179 -8.68 13.63 -18.26
CA ALA A 179 -9.05 14.36 -17.04
C ALA A 179 -8.43 13.54 -15.89
N GLY A 180 -7.95 14.24 -14.86
CA GLY A 180 -7.46 13.54 -13.67
C GLY A 180 -6.48 12.48 -14.05
N ALA A 181 -6.68 11.30 -13.42
CA ALA A 181 -5.78 10.18 -13.64
C ALA A 181 -5.75 9.71 -15.07
N GLY A 182 -6.80 10.00 -15.84
CA GLY A 182 -6.86 9.63 -17.24
C GLY A 182 -6.06 10.49 -18.21
N MET A 183 -5.43 11.56 -17.76
CA MET A 183 -4.76 12.49 -18.71
CA MET A 183 -4.84 12.48 -18.73
C MET A 183 -3.89 11.77 -19.71
N SER A 184 -3.05 10.85 -19.23
CA SER A 184 -2.06 10.20 -20.07
C SER A 184 -2.19 8.68 -20.01
N ALA A 185 -3.37 8.17 -19.70
CA ALA A 185 -3.65 6.74 -19.79
C ALA A 185 -3.64 6.28 -21.23
N SER A 186 -3.25 5.05 -21.45
CA SER A 186 -3.12 4.54 -22.82
C SER A 186 -3.27 3.01 -22.83
N ALA A 187 -3.61 2.49 -24.02
CA ALA A 187 -3.96 1.10 -24.21
C ALA A 187 -3.21 0.49 -25.39
N GLY A 188 -2.91 -0.80 -25.27
CA GLY A 188 -2.45 -1.62 -26.39
C GLY A 188 -0.96 -1.61 -26.48
N LYS A 189 -0.31 -2.50 -25.76
CA LYS A 189 1.16 -2.41 -25.51
C LYS A 189 1.86 -3.68 -25.94
N VAL A 190 1.40 -4.27 -27.02
CA VAL A 190 2.25 -5.26 -27.74
C VAL A 190 3.46 -4.54 -28.30
N ASP A 191 3.24 -3.35 -28.80
CA ASP A 191 4.32 -2.51 -29.32
C ASP A 191 3.92 -1.05 -29.04
N TRP A 192 4.85 -0.24 -28.52
CA TRP A 192 4.52 1.16 -28.14
C TRP A 192 4.12 1.96 -29.39
N ASP A 193 4.53 1.55 -30.59
CA ASP A 193 4.17 2.30 -31.82
C ASP A 193 2.68 2.16 -32.14
N ARG A 194 1.96 1.26 -31.43
CA ARG A 194 0.53 1.01 -31.72
C ARG A 194 -0.33 1.38 -30.50
N THR A 195 0.29 1.92 -29.46
CA THR A 195 -0.45 2.28 -28.25
C THR A 195 -1.22 3.56 -28.46
N GLU A 196 -2.45 3.62 -27.94
CA GLU A 196 -3.31 4.80 -28.10
C GLU A 196 -3.69 5.38 -26.74
N ILE A 197 -3.79 6.69 -26.68
CA ILE A 197 -4.36 7.37 -25.51
C ILE A 197 -5.81 6.93 -25.28
N THR A 198 -6.09 6.63 -24.01
CA THR A 198 -7.46 6.34 -23.57
C THR A 198 -8.04 7.59 -22.91
N GLY A 199 -8.07 7.60 -21.58
CA GLY A 199 -8.75 8.59 -20.77
C GLY A 199 -9.24 7.92 -19.53
N GLN A 200 -10.07 8.59 -18.76
CA GLN A 200 -10.87 8.00 -17.69
C GLN A 200 -12.33 8.03 -18.11
N GLY A 201 -13.12 7.17 -17.47
CA GLY A 201 -14.55 7.10 -17.79
C GLY A 201 -15.38 6.77 -16.59
N ALA A 202 -16.62 7.16 -16.68
CA ALA A 202 -17.61 6.81 -15.65
C ALA A 202 -18.97 6.53 -16.26
N ALA A 203 -19.74 5.73 -15.53
CA ALA A 203 -21.13 5.44 -15.90
C ALA A 203 -21.91 5.28 -14.62
N PHE A 204 -23.21 5.52 -14.71
CA PHE A 204 -24.09 5.48 -13.55
C PHE A 204 -25.44 4.87 -13.97
N ARG A 205 -25.95 4.03 -13.09
CA ARG A 205 -27.33 3.55 -13.22
C ARG A 205 -28.04 3.63 -11.89
N ARG A 206 -29.34 3.93 -11.97
CA ARG A 206 -30.26 3.84 -10.85
C ARG A 206 -31.39 2.86 -11.22
N LEU A 207 -31.65 1.93 -10.33
CA LEU A 207 -32.74 0.92 -10.47
C LEU A 207 -33.54 1.00 -9.21
N GLY A 208 -34.72 1.61 -9.26
CA GLY A 208 -35.49 1.87 -8.04
C GLY A 208 -34.66 2.74 -7.14
N ASP A 209 -34.29 2.26 -5.96
CA ASP A 209 -33.46 3.06 -5.01
C ASP A 209 -31.98 2.67 -5.13
N VAL A 210 -31.70 1.63 -5.87
CA VAL A 210 -30.32 1.08 -6.08
C VAL A 210 -29.53 2.02 -6.99
N ARG A 211 -28.34 2.40 -6.52
CA ARG A 211 -27.43 3.25 -7.29
C ARG A 211 -26.10 2.52 -7.52
N ILE A 212 -25.58 2.61 -8.74
CA ILE A 212 -24.27 2.02 -9.09
C ILE A 212 -23.52 3.04 -9.96
N LEU A 213 -22.35 3.42 -9.43
CA LEU A 213 -21.41 4.29 -10.15
C LEU A 213 -20.16 3.49 -10.45
N ALA A 214 -19.73 3.51 -11.68
CA ALA A 214 -18.44 2.91 -12.07
C ALA A 214 -17.50 4.01 -12.54
N VAL A 215 -16.26 3.94 -12.07
CA VAL A 215 -15.18 4.84 -12.44
C VAL A 215 -14.02 3.98 -12.87
N VAL A 216 -13.38 4.30 -13.99
CA VAL A 216 -12.27 3.52 -14.48
C VAL A 216 -11.24 4.39 -15.15
N VAL A 217 -9.97 3.98 -14.96
CA VAL A 217 -8.80 4.57 -15.63
C VAL A 217 -8.07 3.42 -16.29
N PRO A 218 -8.42 3.11 -17.55
CA PRO A 218 -7.81 1.98 -18.23
C PRO A 218 -6.50 2.39 -18.90
N ASN A 219 -5.40 1.86 -18.36
CA ASN A 219 -4.05 1.98 -18.94
C ASN A 219 -3.53 0.63 -19.35
N PRO A 220 -4.36 -0.21 -20.01
CA PRO A 220 -4.05 -1.62 -20.14
C PRO A 220 -2.93 -1.95 -21.14
N VAL A 221 -2.29 -3.08 -20.88
CA VAL A 221 -1.51 -3.74 -21.92
CA VAL A 221 -1.47 -3.74 -21.94
C VAL A 221 -2.39 -4.19 -23.08
N GLY A 222 -3.60 -4.63 -22.73
CA GLY A 222 -4.59 -5.01 -23.71
C GLY A 222 -5.29 -3.83 -24.35
N VAL A 223 -6.35 -4.14 -25.09
CA VAL A 223 -7.15 -3.17 -25.84
C VAL A 223 -8.55 -3.13 -25.32
N ILE A 224 -9.25 -2.03 -25.62
CA ILE A 224 -10.65 -1.85 -25.25
C ILE A 224 -11.52 -2.46 -26.39
N VAL A 225 -12.46 -3.28 -25.99
CA VAL A 225 -13.35 -4.06 -26.85
C VAL A 225 -14.79 -3.73 -26.53
N ASP A 226 -15.60 -3.52 -27.57
CA ASP A 226 -17.02 -3.22 -27.34
C ASP A 226 -17.85 -4.51 -27.30
N ARG A 227 -19.16 -4.36 -27.09
CA ARG A 227 -20.03 -5.55 -26.86
C ARG A 227 -20.18 -6.41 -28.11
N ALA A 228 -19.89 -5.86 -29.26
CA ALA A 228 -19.88 -6.66 -30.50
C ALA A 228 -18.55 -7.42 -30.72
N GLY A 229 -17.56 -7.16 -29.88
CA GLY A 229 -16.24 -7.76 -30.09
C GLY A 229 -15.31 -6.92 -30.93
N THR A 230 -15.70 -5.68 -31.22
CA THR A 230 -14.82 -4.80 -32.02
C THR A 230 -13.77 -4.14 -31.11
N VAL A 231 -12.52 -4.17 -31.57
CA VAL A 231 -11.43 -3.44 -30.90
C VAL A 231 -11.64 -1.97 -31.21
N VAL A 232 -11.87 -1.18 -30.16
CA VAL A 232 -12.18 0.27 -30.34
C VAL A 232 -11.09 1.18 -29.84
N ARG A 233 -10.12 0.73 -29.05
CA ARG A 233 -9.03 1.61 -28.65
C ARG A 233 -7.82 0.76 -28.27
N GLY A 234 -6.69 1.10 -28.83
CA GLY A 234 -5.44 0.34 -28.59
C GLY A 234 -5.02 -0.51 -29.77
N ASN A 235 -3.72 -0.70 -29.86
CA ASN A 235 -3.12 -1.59 -30.89
C ASN A 235 -3.56 -1.17 -32.29
N TYR A 236 -3.42 0.11 -32.58
CA TYR A 236 -3.68 0.68 -33.92
C TYR A 236 -2.40 0.72 -34.75
N ASP A 237 -2.42 0.09 -35.92
CA ASP A 237 -1.25 0.07 -36.81
C ASP A 237 -1.43 1.16 -37.86
N ALA A 238 -0.60 2.22 -37.79
CA ALA A 238 -0.73 3.29 -38.77
C ALA A 238 -0.43 2.77 -40.20
N GLN A 239 0.27 1.64 -40.36
CA GLN A 239 0.63 1.05 -41.71
C GLN A 239 -0.66 0.51 -42.33
N THR A 240 -1.66 0.14 -41.55
CA THR A 240 -2.87 -0.50 -42.08
C THR A 240 -4.14 0.33 -41.85
N GLY A 241 -4.12 1.23 -40.87
CA GLY A 241 -5.32 1.99 -40.49
C GLY A 241 -6.32 1.22 -39.66
N VAL A 242 -5.89 0.10 -39.08
CA VAL A 242 -6.79 -0.83 -38.37
C VAL A 242 -6.19 -1.15 -37.01
N ARG A 243 -7.07 -1.39 -36.04
CA ARG A 243 -6.69 -1.95 -34.74
C ARG A 243 -6.85 -3.46 -34.76
N ARG A 244 -6.05 -4.11 -33.97
N ARG A 244 -5.95 -4.15 -34.07
CA ARG A 244 -6.02 -5.57 -33.97
CA ARG A 244 -5.92 -5.62 -34.00
C ARG A 244 -6.12 -6.06 -32.53
C ARG A 244 -6.07 -6.09 -32.55
N HIS A 245 -6.85 -7.14 -32.33
CA HIS A 245 -6.83 -7.79 -31.01
C HIS A 245 -5.40 -8.28 -30.81
N PRO A 246 -4.79 -8.04 -29.61
CA PRO A 246 -3.43 -8.53 -29.36
C PRO A 246 -3.18 -10.00 -29.59
N VAL A 247 -4.19 -10.85 -29.42
CA VAL A 247 -3.93 -12.27 -29.60
C VAL A 247 -3.42 -12.60 -30.99
N PHE A 248 -3.87 -11.85 -32.01
CA PHE A 248 -3.37 -12.11 -33.35
C PHE A 248 -1.87 -11.82 -33.47
N ASP A 249 -1.41 -10.76 -32.77
CA ASP A 249 -0.01 -10.45 -32.74
C ASP A 249 0.76 -11.49 -31.96
N TYR A 250 0.25 -11.88 -30.80
CA TYR A 250 0.93 -12.87 -29.98
C TYR A 250 1.04 -14.22 -30.68
N GLN A 251 -0.03 -14.67 -31.30
CA GLN A 251 -0.03 -16.01 -31.94
C GLN A 251 0.97 -16.02 -33.07
N GLU A 252 1.05 -14.95 -33.87
CA GLU A 252 2.00 -14.95 -34.97
C GLU A 252 3.43 -14.81 -34.44
N ALA A 253 3.59 -14.10 -33.34
CA ALA A 253 4.91 -13.94 -32.67
C ALA A 253 5.41 -15.33 -32.26
N PHE A 254 4.54 -16.15 -31.67
CA PHE A 254 4.92 -17.52 -31.25
C PHE A 254 5.31 -18.35 -32.47
N ALA A 255 4.46 -18.29 -33.49
CA ALA A 255 4.66 -19.09 -34.72
C ALA A 255 6.05 -18.73 -35.30
N GLU A 256 6.51 -17.49 -35.12
CA GLU A 256 7.76 -16.98 -35.73
C GLU A 256 8.95 -17.29 -34.82
N GLN A 257 8.84 -17.17 -33.48
CA GLN A 257 10.02 -17.02 -32.57
C GLN A 257 10.20 -18.24 -31.66
N VAL A 258 9.25 -19.19 -31.63
CA VAL A 258 9.28 -20.34 -30.67
C VAL A 258 9.02 -21.68 -31.37
N PRO A 259 9.98 -22.19 -32.15
CA PRO A 259 11.31 -21.56 -32.31
C PRO A 259 11.47 -20.67 -33.56
N CYS A 267 -2.08 -1.41 -16.78
N CYS A 267 -2.89 -2.81 -15.99
CA CYS A 267 -2.91 -1.38 -15.55
CA CYS A 267 -2.80 -1.43 -15.43
C CYS A 267 -4.21 -0.68 -15.77
C CYS A 267 -4.13 -0.70 -15.64
N THR A 268 -5.23 -1.22 -15.18
N THR A 268 -5.20 -1.26 -15.12
CA THR A 268 -6.52 -0.55 -15.11
CA THR A 268 -6.52 -0.60 -15.11
C THR A 268 -6.87 -0.41 -13.64
C THR A 268 -6.91 -0.43 -13.65
N ILE A 269 -7.15 0.80 -13.22
CA ILE A 269 -7.53 1.09 -11.83
C ILE A 269 -8.97 1.59 -11.85
N SER A 270 -9.78 1.06 -10.94
CA SER A 270 -11.21 1.24 -11.07
C SER A 270 -11.93 1.20 -9.72
N ALA A 271 -13.12 1.72 -9.75
N ALA A 271 -13.15 1.68 -9.72
CA ALA A 271 -13.99 1.67 -8.56
CA ALA A 271 -14.03 1.64 -8.52
C ALA A 271 -15.41 1.42 -9.02
C ALA A 271 -15.47 1.42 -8.95
N ILE A 272 -16.06 0.61 -8.21
N ILE A 272 -16.18 0.57 -8.20
CA ILE A 272 -17.49 0.37 -8.37
CA ILE A 272 -17.66 0.63 -8.08
C ILE A 272 -18.11 0.73 -7.02
C ILE A 272 -17.99 1.33 -6.78
N VAL A 273 -18.96 1.75 -7.05
N VAL A 273 -18.96 2.21 -6.85
CA VAL A 273 -19.55 2.33 -5.81
CA VAL A 273 -19.63 2.71 -5.64
C VAL A 273 -21.06 2.10 -5.86
C VAL A 273 -21.10 2.30 -5.78
N THR A 274 -21.62 1.60 -4.78
CA THR A 274 -23.05 1.33 -4.72
C THR A 274 -23.55 1.72 -3.35
N ASN A 275 -24.88 1.77 -3.27
CA ASN A 275 -25.54 2.04 -1.99
C ASN A 275 -26.17 0.80 -1.36
N VAL A 276 -25.98 -0.34 -1.98
CA VAL A 276 -26.56 -1.61 -1.47
C VAL A 276 -25.73 -2.20 -0.36
N ARG A 277 -26.34 -2.47 0.78
CA ARG A 277 -25.70 -3.15 1.91
C ARG A 277 -25.22 -4.52 1.47
N MET A 278 -23.97 -4.81 1.73
CA MET A 278 -23.34 -6.10 1.49
C MET A 278 -22.41 -6.37 2.65
N SER A 279 -22.45 -7.59 3.09
CA SER A 279 -21.51 -8.05 4.14
C SER A 279 -20.09 -8.01 3.60
N PRO A 280 -19.05 -8.06 4.48
CA PRO A 280 -17.67 -8.14 3.96
C PRO A 280 -17.45 -9.26 2.94
N VAL A 281 -17.98 -10.45 3.21
CA VAL A 281 -17.82 -11.57 2.28
C VAL A 281 -18.53 -11.26 0.93
N GLU A 282 -19.76 -10.80 1.01
CA GLU A 282 -20.53 -10.44 -0.21
C GLU A 282 -19.74 -9.39 -1.00
N LEU A 283 -19.26 -8.37 -0.33
CA LEU A 283 -18.61 -7.24 -1.01
C LEU A 283 -17.34 -7.71 -1.71
N ASN A 284 -16.60 -8.59 -1.04
CA ASN A 284 -15.35 -9.06 -1.63
CA ASN A 284 -15.34 -9.16 -1.58
C ASN A 284 -15.64 -9.97 -2.84
N GLN A 285 -16.65 -10.81 -2.76
CA GLN A 285 -17.04 -11.65 -3.89
CA GLN A 285 -16.90 -11.66 -3.94
C GLN A 285 -17.52 -10.80 -5.06
N PHE A 286 -18.32 -9.80 -4.74
CA PHE A 286 -18.82 -8.80 -5.69
C PHE A 286 -17.65 -8.13 -6.43
N ALA A 287 -16.64 -7.71 -5.65
CA ALA A 287 -15.49 -7.06 -6.26
C ALA A 287 -14.80 -7.99 -7.25
N LYS A 288 -14.60 -9.26 -6.87
CA LYS A 288 -13.92 -10.18 -7.77
CA LYS A 288 -13.91 -10.23 -7.75
C LYS A 288 -14.72 -10.43 -9.03
N GLN A 289 -16.02 -10.55 -8.89
CA GLN A 289 -16.92 -10.78 -10.01
C GLN A 289 -16.84 -9.62 -10.99
N VAL A 290 -17.08 -8.42 -10.49
CA VAL A 290 -17.04 -7.22 -11.35
C VAL A 290 -15.68 -7.11 -12.00
N HIS A 291 -14.60 -7.30 -11.25
CA HIS A 291 -13.28 -7.15 -11.82
C HIS A 291 -13.02 -8.14 -12.96
N SER A 292 -13.36 -9.43 -12.75
CA SER A 292 -13.21 -10.40 -13.80
C SER A 292 -14.05 -10.06 -15.03
N SER A 293 -15.21 -9.46 -14.80
CA SER A 293 -16.11 -9.12 -15.90
C SER A 293 -15.46 -8.15 -16.89
N MET A 294 -14.46 -7.40 -16.40
CA MET A 294 -13.77 -6.40 -17.24
C MET A 294 -12.88 -7.03 -18.29
N HIS A 295 -12.65 -8.34 -18.23
CA HIS A 295 -11.95 -9.02 -19.31
C HIS A 295 -12.86 -9.10 -20.56
N ARG A 296 -14.11 -8.73 -20.43
CA ARG A 296 -14.97 -8.58 -21.64
C ARG A 296 -14.54 -7.34 -22.43
N GLY A 297 -14.38 -6.24 -21.74
CA GLY A 297 -14.08 -4.96 -22.41
C GLY A 297 -12.62 -4.61 -22.50
N ILE A 298 -11.73 -5.34 -21.86
CA ILE A 298 -10.27 -5.08 -21.91
C ILE A 298 -9.62 -6.43 -22.14
N GLN A 299 -8.89 -6.57 -23.24
CA GLN A 299 -8.37 -7.89 -23.60
C GLN A 299 -6.98 -7.81 -24.17
N PRO A 300 -6.04 -8.61 -23.68
CA PRO A 300 -6.12 -9.38 -22.44
C PRO A 300 -6.23 -8.47 -21.23
N PHE A 301 -6.48 -9.07 -20.07
CA PHE A 301 -6.69 -8.37 -18.81
C PHE A 301 -6.12 -9.26 -17.70
N HIS A 302 -5.81 -8.63 -16.54
CA HIS A 302 -5.30 -9.41 -15.40
C HIS A 302 -4.00 -10.15 -15.77
N THR A 303 -3.18 -9.49 -16.55
CA THR A 303 -1.94 -10.09 -17.02
C THR A 303 -0.81 -9.77 -16.07
N ASP A 304 0.26 -10.50 -16.19
CA ASP A 304 1.46 -10.21 -15.35
C ASP A 304 2.01 -8.82 -15.68
N MET A 305 1.80 -8.33 -16.89
CA MET A 305 2.29 -7.01 -17.27
CA MET A 305 2.30 -6.99 -17.29
C MET A 305 1.41 -5.87 -16.73
N ASP A 306 0.25 -6.17 -16.23
CA ASP A 306 -0.74 -5.17 -15.74
C ASP A 306 -0.69 -5.06 -14.24
N GLY A 307 -1.16 -3.95 -13.70
CA GLY A 307 -1.42 -3.70 -12.31
C GLY A 307 -2.85 -3.34 -12.10
N ASP A 308 -3.77 -4.26 -12.26
CA ASP A 308 -5.18 -4.04 -12.24
C ASP A 308 -5.67 -4.05 -10.80
N THR A 309 -6.33 -2.97 -10.37
CA THR A 309 -6.84 -2.80 -9.02
C THR A 309 -8.24 -2.24 -9.10
N LEU A 310 -9.19 -3.00 -8.53
CA LEU A 310 -10.59 -2.56 -8.40
C LEU A 310 -10.93 -2.37 -6.94
N PHE A 311 -11.61 -1.27 -6.63
CA PHE A 311 -12.22 -1.00 -5.32
C PHE A 311 -13.71 -1.14 -5.44
N ALA A 312 -14.31 -1.98 -4.60
CA ALA A 312 -15.77 -2.10 -4.52
C ALA A 312 -16.17 -1.42 -3.21
N VAL A 313 -16.99 -0.39 -3.30
CA VAL A 313 -17.33 0.46 -2.16
C VAL A 313 -18.83 0.47 -2.00
N THR A 314 -19.30 0.30 -0.77
CA THR A 314 -20.75 0.42 -0.50
C THR A 314 -21.01 1.44 0.57
N THR A 315 -22.00 2.28 0.34
CA THR A 315 -22.47 3.21 1.37
C THR A 315 -23.46 2.55 2.32
N ASP A 316 -23.84 1.28 2.11
CA ASP A 316 -24.61 0.50 3.10
C ASP A 316 -25.95 1.23 3.44
N GLU A 317 -26.67 1.71 2.43
CA GLU A 317 -27.93 2.45 2.63
C GLU A 317 -29.17 1.58 2.34
N ILE A 318 -29.10 0.61 1.44
CA ILE A 318 -30.33 -0.13 0.94
C ILE A 318 -30.14 -1.60 1.22
N ASP A 319 -31.11 -2.28 1.82
CA ASP A 319 -31.06 -3.76 2.01
C ASP A 319 -31.51 -4.57 0.80
N LEU A 320 -30.82 -5.65 0.48
CA LEU A 320 -31.35 -6.66 -0.47
C LEU A 320 -32.43 -7.41 0.29
N PRO A 321 -33.46 -7.92 -0.40
CA PRO A 321 -34.46 -8.77 0.23
C PRO A 321 -33.81 -10.03 0.81
N THR A 322 -34.47 -10.56 1.86
CA THR A 322 -34.05 -11.77 2.62
C THR A 322 -34.06 -12.95 1.66
N THR A 323 -35.02 -12.96 0.73
CA THR A 323 -35.14 -14.11 -0.22
C THR A 323 -34.93 -13.55 -1.61
N PRO A 324 -34.34 -14.34 -2.52
CA PRO A 324 -33.92 -13.81 -3.83
C PRO A 324 -34.88 -13.85 -5.01
N GLY A 325 -36.16 -14.16 -4.78
CA GLY A 325 -37.10 -14.36 -5.90
C GLY A 325 -37.70 -13.07 -6.45
N SER A 326 -38.11 -13.11 -7.72
CA SER A 326 -38.92 -12.09 -8.43
C SER A 326 -39.71 -12.81 -9.54
N SER A 327 -40.52 -12.08 -10.28
CA SER A 327 -41.18 -12.60 -11.52
C SER A 327 -40.14 -13.05 -12.53
N ARG A 328 -38.88 -12.59 -12.43
CA ARG A 328 -37.78 -12.89 -13.39
CA ARG A 328 -37.80 -12.90 -13.42
C ARG A 328 -37.04 -14.16 -12.98
N GLY A 329 -37.31 -14.71 -11.81
CA GLY A 329 -36.68 -15.96 -11.41
C GLY A 329 -36.46 -16.13 -9.93
N ARG A 330 -36.41 -17.37 -9.51
CA ARG A 330 -36.23 -17.70 -8.08
C ARG A 330 -34.90 -17.21 -7.51
N LEU A 331 -33.84 -17.16 -8.32
CA LEU A 331 -32.48 -16.68 -7.90
C LEU A 331 -32.20 -15.45 -8.70
N SER A 332 -32.98 -14.39 -8.50
CA SER A 332 -32.81 -13.18 -9.35
C SER A 332 -32.44 -11.92 -8.56
N VAL A 333 -32.53 -11.86 -7.23
CA VAL A 333 -32.22 -10.63 -6.48
C VAL A 333 -31.25 -11.00 -5.36
N ASN A 334 -29.94 -10.80 -5.56
CA ASN A 334 -28.87 -11.04 -4.54
C ASN A 334 -27.62 -10.29 -4.95
N ALA A 335 -26.47 -10.52 -4.31
CA ALA A 335 -25.23 -9.86 -4.67
C ALA A 335 -24.61 -10.25 -6.04
N THR A 336 -24.80 -11.47 -6.43
CA THR A 336 -24.42 -11.96 -7.78
C THR A 336 -25.18 -11.14 -8.82
N ALA A 337 -26.47 -10.99 -8.60
CA ALA A 337 -27.34 -10.18 -9.48
C ALA A 337 -26.80 -8.74 -9.58
N LEU A 338 -26.55 -8.14 -8.42
CA LEU A 338 -26.04 -6.78 -8.40
C LEU A 338 -24.69 -6.78 -9.13
N GLY A 339 -23.86 -7.76 -8.90
CA GLY A 339 -22.60 -7.84 -9.60
C GLY A 339 -22.74 -7.88 -11.11
N ALA A 340 -23.72 -8.61 -11.60
CA ALA A 340 -23.93 -8.66 -13.04
C ALA A 340 -24.34 -7.30 -13.57
N ILE A 341 -25.20 -6.60 -12.86
CA ILE A 341 -25.63 -5.27 -13.30
C ILE A 341 -24.44 -4.30 -13.26
N ALA A 342 -23.70 -4.30 -12.13
CA ALA A 342 -22.55 -3.42 -11.97
C ALA A 342 -21.49 -3.70 -13.06
N SER A 343 -21.37 -4.94 -13.47
CA SER A 343 -20.42 -5.31 -14.53
C SER A 343 -20.77 -4.54 -15.79
N GLU A 344 -22.05 -4.39 -16.10
CA GLU A 344 -22.46 -3.64 -17.32
C GLU A 344 -22.16 -2.16 -17.16
N VAL A 345 -22.41 -1.60 -15.97
CA VAL A 345 -22.08 -0.18 -15.72
C VAL A 345 -20.57 0.01 -15.95
N MET A 346 -19.76 -0.91 -15.44
CA MET A 346 -18.30 -0.79 -15.60
C MET A 346 -17.89 -0.90 -17.08
N TRP A 347 -18.52 -1.76 -17.85
CA TRP A 347 -18.19 -1.86 -19.28
C TRP A 347 -18.48 -0.49 -19.93
N ASP A 348 -19.62 0.07 -19.60
CA ASP A 348 -19.99 1.40 -20.14
C ASP A 348 -18.91 2.43 -19.78
N ALA A 349 -18.43 2.40 -18.57
CA ALA A 349 -17.36 3.34 -18.13
C ALA A 349 -16.08 3.13 -18.94
N VAL A 350 -15.71 1.89 -19.14
CA VAL A 350 -14.51 1.57 -19.95
C VAL A 350 -14.67 2.16 -21.36
N LEU A 351 -15.84 1.98 -21.95
CA LEU A 351 -16.08 2.51 -23.29
C LEU A 351 -16.03 4.03 -23.30
N GLU A 352 -16.54 4.67 -22.26
CA GLU A 352 -16.39 6.14 -22.16
CA GLU A 352 -16.40 6.14 -22.17
C GLU A 352 -14.91 6.54 -22.11
N ALA A 353 -14.12 5.83 -21.35
CA ALA A 353 -12.70 6.14 -21.26
C ALA A 353 -12.02 6.03 -22.62
N GLY A 354 -12.40 5.06 -23.43
CA GLY A 354 -11.80 4.85 -24.74
C GLY A 354 -12.38 5.73 -25.84
N LYS A 355 -13.50 6.38 -25.59
CA LYS A 355 -14.19 7.09 -26.68
C LYS A 355 -13.30 8.20 -27.21
N ILE B 16 20.69 -10.04 26.60
CA ILE B 16 20.06 -8.66 26.50
C ILE B 16 19.45 -8.29 27.87
N ALA B 17 20.06 -7.31 28.55
CA ALA B 17 19.66 -6.81 29.88
C ALA B 17 18.54 -5.79 29.73
N VAL B 18 17.31 -6.27 29.75
CA VAL B 18 16.10 -5.41 29.61
C VAL B 18 16.04 -4.58 30.91
N ASP B 19 15.73 -3.30 30.79
CA ASP B 19 15.57 -2.46 32.06
C ASP B 19 14.23 -2.76 32.73
N PRO B 20 14.22 -3.27 34.00
CA PRO B 20 12.97 -3.67 34.66
C PRO B 20 12.09 -2.40 34.82
N ALA B 21 12.68 -1.20 34.88
CA ALA B 21 11.93 0.00 35.27
C ALA B 21 10.77 0.25 34.31
N PRO B 22 9.63 0.79 34.80
CA PRO B 22 8.53 1.12 33.92
C PRO B 22 8.83 2.31 33.02
N ARG B 23 8.27 2.27 31.82
CA ARG B 23 8.25 3.40 30.87
C ARG B 23 6.81 3.56 30.38
N LEU B 24 5.90 3.85 31.31
CA LEU B 24 4.50 4.03 30.93
C LEU B 24 4.34 5.18 29.94
N ALA B 25 3.57 4.94 28.91
CA ALA B 25 3.33 5.97 27.90
C ALA B 25 2.46 7.07 28.50
N GLY B 26 1.55 6.75 29.37
CA GLY B 26 0.63 7.70 29.96
C GLY B 26 -0.70 7.77 29.24
N PRO B 27 -1.64 8.52 29.80
CA PRO B 27 -3.02 8.41 29.33
C PRO B 27 -3.10 9.13 28.00
N PRO B 28 -3.76 8.51 26.99
CA PRO B 28 -3.84 9.17 25.69
C PRO B 28 -4.99 10.19 25.62
N VAL B 29 -4.72 11.30 24.94
CA VAL B 29 -5.74 12.37 24.62
C VAL B 29 -6.22 12.25 23.16
N PHE B 30 -5.53 11.51 22.29
CA PHE B 30 -5.95 11.21 20.89
C PHE B 30 -6.19 12.49 20.07
N GLY B 31 -5.23 13.41 20.18
CA GLY B 31 -5.19 14.56 19.28
C GLY B 31 -4.19 15.60 19.74
N GLY B 32 -4.11 16.69 19.00
CA GLY B 32 -3.25 17.84 19.42
C GLY B 32 -2.73 18.54 18.15
N PRO B 33 -1.73 19.45 18.23
CA PRO B 33 -1.32 20.16 17.03
C PRO B 33 -0.74 19.24 15.95
N GLY B 34 -0.97 19.64 14.71
CA GLY B 34 -0.45 18.92 13.55
C GLY B 34 0.80 19.52 12.92
N ASN B 35 1.23 18.96 11.83
CA ASN B 35 2.58 19.22 11.26
C ASN B 35 2.79 20.72 11.04
N ASP B 36 1.88 21.44 10.40
CA ASP B 36 2.18 22.84 10.03
C ASP B 36 2.07 23.77 11.22
N ALA B 37 1.64 23.28 12.38
CA ALA B 37 1.73 24.08 13.61
C ALA B 37 3.18 24.31 14.01
N PHE B 38 4.11 23.57 13.45
CA PHE B 38 5.51 23.55 13.83
C PHE B 38 6.38 23.84 12.60
N ASP B 39 7.53 24.46 12.85
CA ASP B 39 8.62 24.52 11.89
C ASP B 39 9.41 23.26 12.13
N LEU B 40 9.09 22.20 11.42
CA LEU B 40 9.59 20.84 11.69
C LEU B 40 10.97 20.64 11.09
N ALA B 41 11.97 20.41 11.91
CA ALA B 41 13.31 20.10 11.39
C ALA B 41 13.58 18.63 11.66
N PRO B 42 13.90 17.85 10.63
CA PRO B 42 14.25 16.46 10.89
C PRO B 42 15.47 16.38 11.81
N VAL B 43 15.47 15.48 12.75
CA VAL B 43 16.64 15.15 13.60
C VAL B 43 17.11 13.77 13.24
N ARG B 44 18.42 13.64 13.07
CA ARG B 44 19.01 12.30 12.85
C ARG B 44 18.89 11.58 14.17
N SER B 45 18.20 10.45 14.18
CA SER B 45 18.01 9.71 15.42
C SER B 45 19.27 8.93 15.78
N THR B 46 19.72 9.05 17.02
CA THR B 46 20.85 8.25 17.50
C THR B 46 20.42 7.21 18.54
N GLY B 47 19.22 7.31 19.07
CA GLY B 47 18.75 6.36 20.06
C GLY B 47 19.63 6.27 21.28
N ARG B 48 19.59 5.11 21.93
CA ARG B 48 20.34 4.85 23.15
C ARG B 48 21.72 4.27 22.88
N GLU B 49 21.93 3.67 21.73
CA GLU B 49 23.15 2.94 21.39
C GLU B 49 23.12 2.69 19.90
N MET B 50 24.28 2.49 19.33
CA MET B 50 24.39 2.14 17.91
CA MET B 50 24.43 2.14 17.91
C MET B 50 24.78 0.66 17.77
N LEU B 51 23.99 -0.06 16.99
CA LEU B 51 24.42 -1.38 16.50
C LEU B 51 25.29 -1.14 15.27
N ARG B 52 26.47 -1.75 15.22
CA ARG B 52 27.32 -1.79 14.01
C ARG B 52 27.33 -3.17 13.43
N PHE B 53 27.19 -3.24 12.12
CA PHE B 53 27.07 -4.53 11.40
C PHE B 53 27.76 -4.37 10.05
N ASP B 54 28.16 -5.50 9.51
CA ASP B 54 28.87 -5.58 8.23
C ASP B 54 27.94 -6.21 7.20
N PHE B 55 27.27 -5.39 6.40
CA PHE B 55 26.38 -5.89 5.35
C PHE B 55 26.38 -4.90 4.20
N PRO B 56 27.46 -4.90 3.40
CA PRO B 56 27.55 -3.94 2.31
C PRO B 56 26.30 -4.00 1.42
N GLY B 57 25.80 -2.86 1.04
CA GLY B 57 24.62 -2.76 0.15
C GLY B 57 23.36 -2.49 0.91
N VAL B 58 23.40 -2.50 2.22
CA VAL B 58 22.25 -2.25 3.08
C VAL B 58 22.64 -1.09 3.97
N SER B 59 21.86 -0.03 3.97
CA SER B 59 22.06 1.18 4.80
C SER B 59 20.76 1.44 5.54
N ILE B 60 20.86 2.06 6.69
CA ILE B 60 19.70 2.43 7.51
C ILE B 60 19.83 3.88 7.85
N GLY B 61 18.75 4.60 7.67
CA GLY B 61 18.64 5.97 8.16
C GLY B 61 17.42 6.10 9.06
N ALA B 62 17.54 6.90 10.08
CA ALA B 62 16.46 7.12 11.01
C ALA B 62 16.39 8.59 11.30
N ALA B 63 15.19 9.13 11.20
CA ALA B 63 14.95 10.54 11.45
C ALA B 63 13.69 10.70 12.27
N HIS B 64 13.65 11.74 13.09
CA HIS B 64 12.47 12.04 13.89
C HIS B 64 12.16 13.49 13.91
N TYR B 65 10.91 13.79 14.28
CA TYR B 65 10.49 15.11 14.71
C TYR B 65 10.32 15.05 16.21
N GLU B 66 11.04 15.90 16.93
CA GLU B 66 10.85 15.96 18.39
CA GLU B 66 10.89 16.07 18.40
C GLU B 66 9.46 16.44 18.75
N GLU B 67 8.81 17.20 17.87
CA GLU B 67 7.51 17.80 18.17
C GLU B 67 6.42 16.73 18.20
N GLY B 68 6.64 15.55 17.61
CA GLY B 68 5.66 14.48 17.74
C GLY B 68 5.53 14.02 19.17
N PRO B 69 6.55 13.31 19.69
CA PRO B 69 7.71 12.76 18.94
C PRO B 69 7.24 11.61 18.05
N THR B 70 7.79 11.56 16.84
CA THR B 70 7.49 10.48 15.89
C THR B 70 8.63 10.39 14.90
N GLY B 71 8.76 9.32 14.17
CA GLY B 71 9.86 9.23 13.24
C GLY B 71 9.65 8.17 12.16
N ALA B 72 10.67 8.03 11.33
CA ALA B 72 10.74 7.11 10.23
C ALA B 72 12.11 6.46 10.19
N THR B 73 12.17 5.19 9.80
CA THR B 73 13.37 4.41 9.62
C THR B 73 13.35 3.81 8.23
N VAL B 74 14.41 4.08 7.47
CA VAL B 74 14.50 3.70 6.06
C VAL B 74 15.64 2.73 5.88
N ILE B 75 15.34 1.59 5.27
CA ILE B 75 16.38 0.63 4.84
C ILE B 75 16.58 0.83 3.36
N HIS B 76 17.77 1.21 2.96
CA HIS B 76 18.09 1.56 1.57
C HIS B 76 18.99 0.49 1.01
N ILE B 77 18.55 -0.10 -0.09
CA ILE B 77 19.25 -1.20 -0.79
C ILE B 77 19.29 -0.78 -2.25
N PRO B 78 20.29 0.06 -2.63
CA PRO B 78 20.23 0.69 -3.95
C PRO B 78 20.23 -0.26 -5.11
N ALA B 79 20.80 -1.46 -4.98
CA ALA B 79 20.74 -2.44 -6.09
C ALA B 79 19.30 -2.86 -6.37
N GLY B 80 18.44 -2.72 -5.39
CA GLY B 80 17.13 -3.35 -5.41
C GLY B 80 17.24 -4.79 -4.92
N ALA B 81 16.22 -5.25 -4.25
CA ALA B 81 16.25 -6.63 -3.71
C ALA B 81 14.86 -7.23 -3.75
N ARG B 82 14.82 -8.52 -4.12
CA ARG B 82 13.60 -9.33 -4.06
CA ARG B 82 13.64 -9.39 -4.03
C ARG B 82 13.07 -9.34 -2.61
N THR B 83 11.77 -9.19 -2.54
CA THR B 83 11.07 -9.02 -1.27
C THR B 83 9.81 -9.88 -1.25
N ALA B 84 9.50 -10.42 -0.08
CA ALA B 84 8.19 -10.99 0.23
C ALA B 84 7.59 -10.20 1.38
N VAL B 85 6.32 -9.94 1.30
CA VAL B 85 5.57 -9.17 2.30
C VAL B 85 4.60 -10.09 2.99
N ASP B 86 4.59 -10.12 4.32
CA ASP B 86 3.64 -10.90 5.09
C ASP B 86 2.89 -9.97 6.03
N ALA B 87 1.61 -9.75 5.84
N ALA B 87 1.83 -9.38 5.46
CA ALA B 87 0.80 -8.79 6.60
CA ALA B 87 0.87 -8.45 6.10
C ALA B 87 -0.31 -9.54 7.29
C ALA B 87 -0.19 -9.28 6.83
N ARG B 88 -0.52 -9.22 8.54
N ARG B 88 0.22 -9.90 7.92
CA ARG B 88 -1.51 -9.91 9.38
CA ARG B 88 -0.60 -10.94 8.62
C ARG B 88 -2.23 -8.91 10.28
C ARG B 88 -1.62 -10.34 9.58
N GLY B 89 -3.46 -9.20 10.63
N GLY B 89 -1.34 -9.17 10.13
CA GLY B 89 -4.21 -8.34 11.53
CA GLY B 89 -2.24 -8.51 11.10
C GLY B 89 -5.18 -7.43 10.81
C GLY B 89 -3.59 -8.13 10.49
N GLY B 90 -5.94 -6.67 11.59
N GLY B 90 -4.53 -7.73 11.34
CA GLY B 90 -7.01 -5.81 11.10
CA GLY B 90 -5.87 -7.24 10.98
C GLY B 90 -6.62 -4.36 10.85
C GLY B 90 -5.98 -5.75 10.72
N ALA B 91 -5.43 -3.96 11.25
N ALA B 91 -4.97 -4.95 10.99
CA ALA B 91 -5.00 -2.53 11.23
CA ALA B 91 -5.07 -3.47 10.87
C ALA B 91 -3.70 -2.36 10.44
C ALA B 91 -3.82 -2.93 10.18
N VAL B 92 -3.49 -3.20 9.44
N VAL B 92 -3.41 -3.56 9.09
CA VAL B 92 -2.29 -3.05 8.59
CA VAL B 92 -2.15 -3.18 8.44
C VAL B 92 -2.32 -1.71 7.86
C VAL B 92 -2.26 -1.80 7.76
N GLY B 93 -1.18 -1.04 7.87
CA GLY B 93 -0.97 0.17 7.06
C GLY B 93 0.25 -0.02 6.18
N LEU B 94 0.01 -0.27 4.87
CA LEU B 94 1.02 -0.68 3.91
C LEU B 94 0.87 0.09 2.61
N SER B 95 1.99 0.54 2.06
CA SER B 95 2.05 1.12 0.71
C SER B 95 3.03 0.33 -0.11
N GLY B 96 2.64 0.06 -1.36
CA GLY B 96 3.56 -0.58 -2.31
C GLY B 96 3.53 -2.09 -2.13
N GLY B 97 4.14 -2.56 -1.07
CA GLY B 97 4.19 -4.01 -0.86
C GLY B 97 4.81 -4.73 -2.02
N TYR B 98 5.82 -4.15 -2.62
CA TYR B 98 6.39 -4.66 -3.89
C TYR B 98 7.20 -5.92 -3.64
N ASP B 99 7.33 -6.73 -4.70
CA ASP B 99 8.15 -7.93 -4.69
C ASP B 99 9.61 -7.62 -5.01
N PHE B 100 9.97 -6.36 -5.09
CA PHE B 100 11.35 -5.89 -5.39
C PHE B 100 11.37 -4.47 -4.88
N ASN B 101 12.36 -4.15 -4.05
CA ASN B 101 12.41 -2.84 -3.41
C ASN B 101 13.81 -2.28 -3.41
N HIS B 102 13.88 -0.98 -3.66
CA HIS B 102 15.10 -0.19 -3.40
C HIS B 102 15.10 0.38 -1.99
N ALA B 103 13.99 0.46 -1.34
CA ALA B 103 13.95 0.88 0.06
C ALA B 103 12.70 0.33 0.74
N ILE B 104 12.81 0.19 2.06
CA ILE B 104 11.70 -0.12 2.94
C ILE B 104 11.64 1.05 3.91
N CYS B 105 10.45 1.64 4.07
CA CYS B 105 10.24 2.78 4.97
C CYS B 105 9.25 2.37 6.05
N LEU B 106 9.70 2.42 7.29
CA LEU B 106 8.88 2.11 8.47
C LEU B 106 8.63 3.44 9.19
N ALA B 107 7.40 3.73 9.60
CA ALA B 107 7.13 5.04 10.17
C ALA B 107 6.00 5.02 11.18
N GLY B 108 6.01 5.99 12.08
CA GLY B 108 4.86 6.30 12.89
C GLY B 108 3.81 7.08 12.12
N GLY B 109 2.82 7.60 12.85
CA GLY B 109 1.76 8.42 12.28
C GLY B 109 0.61 7.68 11.64
N ALA B 110 0.46 6.40 11.90
CA ALA B 110 -0.63 5.63 11.30
C ALA B 110 -0.57 5.83 9.79
N GLY B 111 -1.73 5.73 9.12
CA GLY B 111 -1.76 5.80 7.68
C GLY B 111 -1.21 7.10 7.14
N TYR B 112 -1.23 8.17 7.90
CA TYR B 112 -0.66 9.47 7.44
C TYR B 112 0.83 9.32 7.21
N GLY B 113 1.49 8.50 8.02
CA GLY B 113 2.92 8.30 7.94
C GLY B 113 3.38 7.52 6.74
N LEU B 114 2.48 6.94 5.93
CA LEU B 114 2.89 6.36 4.67
C LEU B 114 3.44 7.43 3.77
N GLU B 115 3.15 8.70 4.04
CA GLU B 115 3.70 9.81 3.25
C GLU B 115 5.24 9.82 3.33
N ALA B 116 5.83 9.35 4.42
CA ALA B 116 7.29 9.33 4.46
C ALA B 116 7.89 8.53 3.30
N GLY B 117 7.23 7.44 2.92
CA GLY B 117 7.72 6.66 1.81
C GLY B 117 7.68 7.37 0.50
N ALA B 118 6.73 8.28 0.33
CA ALA B 118 6.67 9.13 -0.86
C ALA B 118 7.90 10.03 -0.91
N GLY B 119 8.36 10.51 0.20
CA GLY B 119 9.55 11.34 0.27
C GLY B 119 10.77 10.53 -0.18
N VAL B 120 10.87 9.27 0.24
CA VAL B 120 11.93 8.39 -0.21
C VAL B 120 11.82 8.18 -1.72
N SER B 121 10.64 7.83 -2.19
CA SER B 121 10.43 7.54 -3.62
C SER B 121 10.84 8.75 -4.46
N GLY B 122 10.36 9.92 -4.12
CA GLY B 122 10.68 11.11 -4.91
C GLY B 122 12.18 11.40 -4.91
N ALA B 123 12.83 11.22 -3.78
CA ALA B 123 14.27 11.44 -3.68
C ALA B 123 15.01 10.43 -4.56
N LEU B 124 14.60 9.18 -4.55
CA LEU B 124 15.29 8.17 -5.37
C LEU B 124 15.08 8.52 -6.87
N LEU B 125 13.90 9.02 -7.28
CA LEU B 125 13.66 9.39 -8.69
C LEU B 125 14.63 10.54 -9.04
N GLU B 126 14.79 11.49 -8.16
CA GLU B 126 15.76 12.59 -8.43
C GLU B 126 17.16 12.02 -8.56
N ARG B 127 17.55 11.09 -7.70
CA ARG B 127 18.88 10.47 -7.78
C ARG B 127 19.12 9.73 -9.11
N LEU B 128 18.04 9.19 -9.69
CA LEU B 128 18.07 8.50 -10.98
C LEU B 128 17.90 9.51 -12.12
N GLU B 129 18.04 10.80 -11.83
CA GLU B 129 18.00 11.80 -12.91
C GLU B 129 16.68 11.71 -13.68
N TYR B 130 15.60 11.43 -12.96
CA TYR B 130 14.22 11.49 -13.51
C TYR B 130 14.06 10.51 -14.69
N ARG B 131 14.82 9.41 -14.71
CA ARG B 131 14.58 8.32 -15.68
C ARG B 131 13.31 7.58 -15.23
N THR B 132 12.46 7.19 -16.18
CA THR B 132 11.11 6.64 -15.90
C THR B 132 10.80 5.38 -16.67
N GLY B 133 11.81 4.75 -17.22
CA GLY B 133 11.55 3.41 -17.79
C GLY B 133 11.05 2.45 -16.76
N PHE B 134 10.20 1.53 -17.20
CA PHE B 134 9.52 0.65 -16.26
C PHE B 134 10.58 -0.07 -15.41
N ALA B 135 11.62 -0.59 -16.03
CA ALA B 135 12.66 -1.37 -15.34
C ALA B 135 13.47 -0.47 -14.38
N GLU B 136 13.35 0.86 -14.47
CA GLU B 136 14.15 1.86 -13.67
C GLU B 136 13.28 2.44 -12.54
N LEU B 137 12.04 1.99 -12.41
CA LEU B 137 11.19 2.57 -11.37
C LEU B 137 11.83 2.28 -10.02
N GLN B 138 11.86 3.27 -9.17
CA GLN B 138 12.42 3.15 -7.80
C GLN B 138 11.30 2.77 -6.89
N LEU B 139 11.43 1.61 -6.25
CA LEU B 139 10.33 0.97 -5.56
C LEU B 139 10.59 1.03 -4.05
N VAL B 140 9.64 1.61 -3.37
CA VAL B 140 9.68 1.78 -1.90
C VAL B 140 8.42 1.17 -1.34
N SER B 141 8.56 0.22 -0.45
CA SER B 141 7.43 -0.28 0.32
C SER B 141 7.46 0.37 1.70
N SER B 142 6.32 0.78 2.17
CA SER B 142 6.20 1.46 3.45
C SER B 142 5.18 0.79 4.35
N ALA B 143 5.46 0.83 5.64
CA ALA B 143 4.51 0.33 6.63
C ALA B 143 4.54 1.27 7.82
N VAL B 144 3.44 1.29 8.54
CA VAL B 144 3.24 2.24 9.64
C VAL B 144 2.75 1.59 10.91
N ILE B 145 3.05 2.29 12.01
CA ILE B 145 2.45 2.04 13.32
C ILE B 145 1.56 3.18 13.73
N TYR B 146 0.55 2.89 14.50
CA TYR B 146 -0.35 3.87 15.09
C TYR B 146 0.30 4.32 16.42
N ASP B 147 0.99 5.44 16.41
CA ASP B 147 1.73 5.96 17.60
C ASP B 147 1.07 7.18 18.21
N PHE B 148 -0.17 7.47 17.85
CA PHE B 148 -0.83 8.69 18.32
C PHE B 148 -1.28 8.54 19.80
N SER B 149 -1.46 7.32 20.32
CA SER B 149 -1.82 7.01 21.72
CA SER B 149 -1.89 7.25 21.74
C SER B 149 -0.72 7.49 22.67
N ALA B 150 0.51 7.54 22.16
CA ALA B 150 1.70 7.73 23.01
C ALA B 150 2.14 9.18 23.09
N ARG B 151 1.31 10.11 22.66
N ARG B 151 1.45 10.11 22.45
CA ARG B 151 1.73 11.53 22.58
CA ARG B 151 1.81 11.55 22.56
C ARG B 151 0.54 12.38 22.22
C ARG B 151 0.51 12.35 22.42
N SER B 152 0.64 13.64 22.55
CA SER B 152 -0.50 14.57 22.56
C SER B 152 -0.39 15.50 21.34
N THR B 153 0.08 15.02 20.22
CA THR B 153 0.18 15.80 18.99
C THR B 153 -0.33 14.94 17.83
N ALA B 154 -0.60 15.61 16.72
CA ALA B 154 -1.00 14.95 15.47
C ALA B 154 0.10 14.98 14.42
N VAL B 155 1.33 15.35 14.82
CA VAL B 155 2.46 15.37 13.89
C VAL B 155 2.67 13.96 13.33
N TYR B 156 2.96 13.82 12.06
CA TYR B 156 3.23 12.53 11.48
C TYR B 156 4.43 12.60 10.55
N PRO B 157 5.09 11.48 10.30
CA PRO B 157 6.18 11.43 9.32
C PRO B 157 5.69 11.79 7.94
N ASP B 158 6.22 12.88 7.43
N ASP B 158 6.20 12.89 7.43
CA ASP B 158 5.79 13.46 6.14
CA ASP B 158 5.78 13.45 6.14
C ASP B 158 6.87 13.24 5.09
C ASP B 158 6.87 13.23 5.09
N LYS B 159 6.63 13.75 3.89
N LYS B 159 6.64 13.75 3.88
CA LYS B 159 7.63 13.54 2.82
CA LYS B 159 7.54 13.49 2.77
C LYS B 159 9.00 13.99 3.25
C LYS B 159 8.94 13.98 3.17
N ALA B 160 9.03 15.17 3.84
N ALA B 160 9.03 15.14 3.80
CA ALA B 160 10.30 15.74 4.28
CA ALA B 160 10.34 15.68 4.22
C ALA B 160 11.05 14.81 5.25
C ALA B 160 11.08 14.76 5.22
N LEU B 161 10.34 14.11 6.11
CA LEU B 161 10.96 13.22 7.11
C LEU B 161 11.46 11.96 6.46
N GLY B 162 10.68 11.41 5.50
CA GLY B 162 11.18 10.26 4.76
C GLY B 162 12.42 10.59 3.99
N ARG B 163 12.40 11.72 3.26
CA ARG B 163 13.62 12.14 2.51
C ARG B 163 14.81 12.30 3.48
N ALA B 164 14.58 12.90 4.65
CA ALA B 164 15.66 13.05 5.66
C ALA B 164 16.32 11.74 6.20
N ALA B 165 15.35 10.77 6.40
CA ALA B 165 15.76 9.42 6.82
C ALA B 165 16.62 8.78 5.72
N LEU B 166 16.22 8.92 4.46
CA LEU B 166 17.07 8.40 3.35
C LEU B 166 18.39 9.15 3.34
N GLU B 167 18.44 10.46 3.50
CA GLU B 167 19.66 11.26 3.44
C GLU B 167 20.58 10.85 4.62
N PHE B 168 19.97 10.48 5.76
CA PHE B 168 20.71 10.11 6.98
C PHE B 168 21.16 8.65 6.89
N ALA B 169 20.85 7.91 5.87
CA ALA B 169 21.14 6.48 5.85
C ALA B 169 22.64 6.26 5.81
N VAL B 170 23.08 5.42 6.68
CA VAL B 170 24.51 5.11 6.87
C VAL B 170 24.59 3.61 6.62
N PRO B 171 25.65 3.16 5.99
CA PRO B 171 25.94 1.75 5.96
C PRO B 171 26.32 1.19 7.34
N GLY B 172 25.77 0.02 7.70
CA GLY B 172 26.31 -0.75 8.84
C GLY B 172 26.05 -0.15 10.21
N GLU B 173 25.06 0.72 10.35
CA GLU B 173 24.65 1.26 11.64
C GLU B 173 23.15 1.24 11.81
N PHE B 174 22.77 1.07 13.06
CA PHE B 174 21.34 1.14 13.41
C PHE B 174 21.22 1.76 14.80
N PRO B 175 20.39 2.80 14.98
CA PRO B 175 20.19 3.42 16.29
C PRO B 175 19.09 2.66 17.05
N GLN B 176 19.50 1.97 18.12
CA GLN B 176 18.56 1.24 18.97
C GLN B 176 17.69 2.15 19.82
N GLY B 177 16.48 1.69 20.14
CA GLY B 177 15.67 2.38 21.12
C GLY B 177 14.75 3.41 20.53
N ARG B 178 14.65 4.55 21.22
CA ARG B 178 13.71 5.60 20.82
C ARG B 178 14.35 6.41 19.72
N ALA B 179 14.12 5.98 18.49
CA ALA B 179 14.84 6.45 17.30
C ALA B 179 13.97 6.11 16.10
N GLY B 180 13.91 6.99 15.12
CA GLY B 180 13.16 6.69 13.89
C GLY B 180 11.74 6.33 14.18
N ALA B 181 11.26 5.30 13.49
CA ALA B 181 9.88 4.83 13.69
C ALA B 181 9.59 4.40 15.12
N GLY B 182 10.61 4.00 15.86
CA GLY B 182 10.45 3.57 17.23
C GLY B 182 10.26 4.68 18.25
N MET B 183 10.36 5.96 17.84
N MET B 183 10.30 5.92 17.83
CA MET B 183 10.29 7.09 18.79
CA MET B 183 10.35 7.03 18.79
C MET B 183 9.16 6.90 19.79
C MET B 183 9.14 7.04 19.75
N SER B 184 7.95 6.67 19.29
CA SER B 184 6.75 6.62 20.12
C SER B 184 6.02 5.30 20.03
N ALA B 185 6.76 4.24 19.67
CA ALA B 185 6.21 2.89 19.66
C ALA B 185 5.91 2.47 21.12
N SER B 186 4.87 1.63 21.28
CA SER B 186 4.46 1.22 22.64
C SER B 186 3.79 -0.16 22.59
N ALA B 187 3.77 -0.81 23.74
CA ALA B 187 3.28 -2.17 23.87
C ALA B 187 2.35 -2.34 25.04
N GLY B 188 1.38 -3.24 24.88
CA GLY B 188 0.54 -3.75 25.96
C GLY B 188 -0.70 -2.93 26.11
N LYS B 189 -1.74 -3.26 25.35
CA LYS B 189 -2.87 -2.38 25.13
C LYS B 189 -4.19 -3.06 25.49
N VAL B 190 -4.18 -3.87 26.50
CA VAL B 190 -5.40 -4.26 27.22
C VAL B 190 -6.06 -3.03 27.83
N ASP B 191 -5.23 -2.22 28.50
N ASP B 191 -5.22 -2.17 28.46
CA ASP B 191 -5.67 -0.89 28.89
CA ASP B 191 -5.62 -0.91 29.12
C ASP B 191 -4.50 0.06 28.71
C ASP B 191 -4.51 0.10 28.85
N TRP B 192 -4.84 1.26 28.27
CA TRP B 192 -3.81 2.26 27.95
C TRP B 192 -3.00 2.66 29.19
N ASP B 193 -3.57 2.51 30.38
CA ASP B 193 -2.84 2.84 31.62
C ASP B 193 -1.67 1.90 31.90
N ARG B 194 -1.59 0.78 31.21
CA ARG B 194 -0.53 -0.24 31.40
C ARG B 194 0.40 -0.33 30.20
N THR B 195 0.20 0.54 29.20
CA THR B 195 0.98 0.55 27.98
C THR B 195 2.34 1.19 28.27
N GLU B 196 3.41 0.59 27.74
CA GLU B 196 4.77 1.11 27.91
C GLU B 196 5.38 1.42 26.55
N ILE B 197 6.15 2.51 26.53
CA ILE B 197 7.01 2.80 25.37
C ILE B 197 7.98 1.64 25.12
N THR B 198 8.12 1.27 23.87
CA THR B 198 9.11 0.29 23.44
C THR B 198 10.28 1.07 22.84
N GLY B 199 10.33 1.10 21.51
CA GLY B 199 11.47 1.59 20.74
C GLY B 199 11.54 0.80 19.45
N GLN B 200 12.60 0.98 18.70
CA GLN B 200 12.97 0.10 17.60
C GLN B 200 14.17 -0.70 18.00
N GLY B 201 14.40 -1.79 17.29
CA GLY B 201 15.53 -2.67 17.58
C GLY B 201 16.08 -3.34 16.34
N ALA B 202 17.32 -3.73 16.42
CA ALA B 202 17.96 -4.46 15.34
C ALA B 202 18.93 -5.45 15.93
N ALA B 203 19.18 -6.48 15.17
CA ALA B 203 20.20 -7.50 15.49
C ALA B 203 20.78 -8.02 14.20
N PHE B 204 21.97 -8.55 14.31
CA PHE B 204 22.72 -9.02 13.14
C PHE B 204 23.52 -10.24 13.47
N ARG B 205 23.55 -11.23 12.57
CA ARG B 205 24.43 -12.38 12.69
C ARG B 205 25.08 -12.64 11.35
N ARG B 206 26.36 -12.98 11.43
CA ARG B 206 27.14 -13.51 10.31
C ARG B 206 27.51 -14.95 10.68
N LEU B 207 27.27 -15.89 9.74
N LEU B 207 27.14 -15.91 9.83
CA LEU B 207 27.51 -17.37 9.83
CA LEU B 207 27.66 -17.30 9.93
C LEU B 207 28.11 -17.90 8.53
C LEU B 207 28.50 -17.52 8.70
N GLY B 208 29.36 -18.35 8.53
N GLY B 208 29.82 -17.43 8.82
CA GLY B 208 30.04 -18.58 7.24
CA GLY B 208 30.60 -17.66 7.61
C GLY B 208 29.50 -17.72 6.05
C GLY B 208 30.24 -16.54 6.67
N ASP B 209 29.82 -16.38 6.05
N ASP B 209 29.75 -16.76 5.43
CA ASP B 209 29.52 -15.55 4.83
CA ASP B 209 29.45 -15.63 4.50
C ASP B 209 28.03 -15.17 4.86
C ASP B 209 27.95 -15.38 4.48
N VAL B 210 27.16 -16.08 5.29
CA VAL B 210 25.71 -15.78 5.46
C VAL B 210 25.57 -14.59 6.39
N ARG B 211 24.72 -13.66 5.98
CA ARG B 211 24.39 -12.46 6.80
CA ARG B 211 24.40 -12.42 6.75
C ARG B 211 22.89 -12.35 6.98
N ILE B 212 22.49 -12.04 8.19
CA ILE B 212 21.09 -11.87 8.55
C ILE B 212 20.99 -10.63 9.43
N LEU B 213 20.18 -9.67 8.96
CA LEU B 213 19.82 -8.44 9.68
C LEU B 213 18.34 -8.44 9.98
N ALA B 214 17.98 -8.23 11.25
CA ALA B 214 16.57 -8.04 11.62
C ALA B 214 16.38 -6.64 12.13
N VAL B 215 15.32 -5.99 11.67
CA VAL B 215 14.90 -4.67 12.12
C VAL B 215 13.45 -4.78 12.54
N VAL B 216 13.09 -4.23 13.69
CA VAL B 216 11.73 -4.28 14.17
C VAL B 216 11.32 -3.02 14.88
N VAL B 217 10.04 -2.66 14.69
CA VAL B 217 9.38 -1.55 15.38
C VAL B 217 8.12 -2.13 16.01
N PRO B 218 8.24 -2.65 17.25
CA PRO B 218 7.10 -3.29 17.89
C PRO B 218 6.22 -2.22 18.56
N ASN B 219 5.03 -2.07 18.03
CA ASN B 219 3.96 -1.27 18.65
C ASN B 219 2.76 -2.15 18.99
N PRO B 220 2.99 -3.31 19.64
CA PRO B 220 1.95 -4.34 19.72
C PRO B 220 0.83 -4.01 20.70
N VAL B 221 -0.31 -4.62 20.41
CA VAL B 221 -1.37 -4.78 21.40
C VAL B 221 -0.86 -5.69 22.54
N GLY B 222 -0.10 -6.70 22.17
CA GLY B 222 0.53 -7.59 23.13
C GLY B 222 1.74 -6.99 23.79
N VAL B 223 2.50 -7.89 24.43
CA VAL B 223 3.67 -7.51 25.25
C VAL B 223 4.91 -8.23 24.74
N ILE B 224 6.09 -7.69 25.06
CA ILE B 224 7.35 -8.31 24.70
C ILE B 224 7.73 -9.29 25.81
N VAL B 225 8.11 -10.49 25.35
CA VAL B 225 8.42 -11.66 26.20
C VAL B 225 9.80 -12.15 25.89
N ASP B 226 10.59 -12.44 26.93
CA ASP B 226 11.94 -12.97 26.71
C ASP B 226 11.93 -14.50 26.60
N ARG B 227 13.11 -15.06 26.40
CA ARG B 227 13.20 -16.50 26.09
C ARG B 227 12.85 -17.39 27.30
N ALA B 228 12.83 -16.84 28.47
CA ALA B 228 12.39 -17.55 29.67
C ALA B 228 10.88 -17.44 29.85
N GLY B 229 10.17 -16.68 29.05
CA GLY B 229 8.73 -16.51 29.21
C GLY B 229 8.35 -15.38 30.10
N THR B 230 9.30 -14.53 30.44
CA THR B 230 9.00 -13.37 31.26
C THR B 230 8.55 -12.19 30.41
N VAL B 231 7.48 -11.55 30.84
CA VAL B 231 7.01 -10.31 30.20
C VAL B 231 7.95 -9.19 30.63
N VAL B 232 8.60 -8.56 29.66
CA VAL B 232 9.65 -7.53 29.91
C VAL B 232 9.26 -6.15 29.43
N ARG B 233 8.23 -6.00 28.60
CA ARG B 233 7.82 -4.65 28.23
C ARG B 233 6.34 -4.70 27.82
N GLY B 234 5.57 -3.82 28.40
CA GLY B 234 4.11 -3.77 28.18
C GLY B 234 3.30 -4.39 29.27
N ASN B 235 2.10 -3.86 29.45
CA ASN B 235 1.15 -4.35 30.44
C ASN B 235 1.74 -4.26 31.83
N TYR B 236 2.34 -3.10 32.14
CA TYR B 236 2.89 -2.83 33.50
C TYR B 236 1.74 -2.26 34.31
N ASP B 237 1.38 -2.93 35.40
CA ASP B 237 0.30 -2.47 36.30
C ASP B 237 0.92 -1.66 37.43
N ALA B 238 0.75 -0.34 37.39
CA ALA B 238 1.40 0.51 38.39
C ALA B 238 0.82 0.24 39.78
N GLN B 239 -0.31 -0.44 39.92
CA GLN B 239 -0.83 -0.82 41.23
C GLN B 239 -0.11 -2.05 41.79
N THR B 240 0.57 -2.85 40.98
CA THR B 240 1.24 -4.08 41.46
C THR B 240 2.75 -4.00 41.31
N GLY B 241 3.26 -3.12 40.44
CA GLY B 241 4.67 -3.04 40.09
C GLY B 241 5.15 -4.16 39.23
N VAL B 242 4.27 -4.93 38.58
CA VAL B 242 4.76 -5.99 37.69
C VAL B 242 3.96 -5.99 36.39
N ARG B 243 4.54 -6.72 35.47
CA ARG B 243 3.92 -6.98 34.15
C ARG B 243 3.43 -8.41 34.11
N ARG B 244 2.20 -8.63 33.85
CA ARG B 244 1.56 -9.95 33.68
C ARG B 244 1.31 -10.17 32.18
N HIS B 245 1.29 -11.41 31.76
CA HIS B 245 0.84 -11.73 30.41
C HIS B 245 -0.59 -11.20 30.26
N PRO B 246 -0.93 -10.62 29.09
CA PRO B 246 -2.30 -10.19 28.84
C PRO B 246 -3.37 -11.25 29.05
N VAL B 247 -3.04 -12.50 28.80
CA VAL B 247 -4.09 -13.54 28.94
C VAL B 247 -4.68 -13.51 30.35
N PHE B 248 -3.92 -13.18 31.38
CA PHE B 248 -4.52 -13.11 32.72
C PHE B 248 -5.61 -12.06 32.79
N ASP B 249 -5.36 -10.91 32.19
CA ASP B 249 -6.36 -9.85 32.13
C ASP B 249 -7.55 -10.32 31.29
N TYR B 250 -7.30 -10.91 30.13
CA TYR B 250 -8.38 -11.31 29.25
C TYR B 250 -9.27 -12.38 29.94
N GLN B 251 -8.64 -13.36 30.61
CA GLN B 251 -9.46 -14.43 31.25
C GLN B 251 -10.29 -13.87 32.39
N GLU B 252 -9.72 -12.97 33.16
CA GLU B 252 -10.45 -12.32 34.25
C GLU B 252 -11.58 -11.48 33.68
N ALA B 253 -11.35 -10.79 32.56
CA ALA B 253 -12.33 -9.92 31.90
C ALA B 253 -13.54 -10.75 31.46
N PHE B 254 -13.27 -11.91 30.90
CA PHE B 254 -14.33 -12.87 30.53
C PHE B 254 -15.07 -13.41 31.77
N ALA B 255 -14.43 -13.90 32.84
CA ALA B 255 -15.20 -14.35 34.02
C ALA B 255 -16.16 -13.22 34.41
N GLU B 256 -15.75 -11.97 34.20
CA GLU B 256 -16.47 -10.78 34.74
C GLU B 256 -17.66 -10.36 33.86
N GLN B 257 -17.47 -10.17 32.56
CA GLN B 257 -18.36 -9.50 31.59
C GLN B 257 -19.14 -10.49 30.72
N VAL B 258 -18.78 -11.78 30.70
CA VAL B 258 -19.43 -12.85 29.92
C VAL B 258 -19.69 -13.98 30.91
N PRO B 259 -20.40 -13.67 32.04
CA PRO B 259 -20.66 -14.65 33.09
C PRO B 259 -21.74 -15.60 32.61
N PRO B 260 -21.88 -16.77 33.29
CA PRO B 260 -22.90 -17.75 32.94
C PRO B 260 -24.30 -17.15 33.14
N CYS B 267 0.40 -4.54 15.35
N CYS B 267 0.43 -2.93 16.39
CA CYS B 267 1.08 -3.26 15.01
CA CYS B 267 1.15 -3.31 15.14
C CYS B 267 2.58 -3.44 15.30
C CYS B 267 2.63 -3.51 15.41
N THR B 268 3.21 -4.43 14.71
N THR B 268 3.21 -4.47 14.75
CA THR B 268 4.67 -4.56 14.69
CA THR B 268 4.67 -4.60 14.70
C THR B 268 5.05 -4.60 13.22
C THR B 268 5.06 -4.61 13.22
N ILE B 269 5.97 -3.70 12.85
CA ILE B 269 6.44 -3.64 11.46
C ILE B 269 7.90 -3.99 11.48
N SER B 270 8.33 -4.81 10.54
CA SER B 270 9.64 -5.45 10.66
C SER B 270 10.23 -5.80 9.31
N ALA B 271 11.54 -6.03 9.29
N ALA B 271 11.53 -6.08 9.29
CA ALA B 271 12.22 -6.51 8.10
CA ALA B 271 12.24 -6.58 8.10
C ALA B 271 13.25 -7.51 8.52
C ALA B 271 13.28 -7.60 8.52
N ILE B 272 13.41 -8.53 7.68
N ILE B 272 13.37 -8.71 7.76
CA ILE B 272 14.45 -9.55 7.86
CA ILE B 272 14.63 -9.47 7.65
C ILE B 272 15.17 -9.58 6.52
C ILE B 272 15.32 -9.09 6.36
N VAL B 273 16.44 -9.22 6.56
N VAL B 273 16.62 -8.88 6.45
CA VAL B 273 17.24 -9.00 5.33
CA VAL B 273 17.44 -8.79 5.23
C VAL B 273 18.38 -10.01 5.38
C VAL B 273 18.48 -9.90 5.33
N THR B 274 18.57 -10.73 4.30
CA THR B 274 19.64 -11.73 4.21
C THR B 274 20.28 -11.67 2.83
N ASN B 275 21.50 -12.21 2.76
CA ASN B 275 22.22 -12.29 1.50
C ASN B 275 22.06 -13.63 0.81
N VAL B 276 21.32 -14.58 1.38
CA VAL B 276 21.13 -15.93 0.80
C VAL B 276 20.06 -15.85 -0.26
N ARG B 277 20.40 -16.37 -1.42
CA ARG B 277 19.47 -16.46 -2.57
CA ARG B 277 19.45 -16.44 -2.55
C ARG B 277 18.29 -17.35 -2.18
N MET B 278 17.09 -16.89 -2.47
CA MET B 278 15.87 -17.67 -2.25
C MET B 278 14.94 -17.32 -3.43
N SER B 279 14.35 -18.33 -3.97
CA SER B 279 13.31 -18.17 -5.03
C SER B 279 12.15 -17.39 -4.43
N PRO B 280 11.24 -16.84 -5.27
CA PRO B 280 10.06 -16.19 -4.72
C PRO B 280 9.23 -17.08 -3.77
N VAL B 281 9.07 -18.34 -4.12
CA VAL B 281 8.29 -19.26 -3.26
C VAL B 281 9.05 -19.44 -1.92
N GLU B 282 10.34 -19.70 -1.98
CA GLU B 282 11.11 -19.96 -0.74
C GLU B 282 11.05 -18.70 0.13
N LEU B 283 11.23 -17.53 -0.50
CA LEU B 283 11.28 -16.26 0.25
C LEU B 283 9.94 -15.98 0.95
N ASN B 284 8.84 -16.24 0.23
CA ASN B 284 7.50 -16.04 0.81
CA ASN B 284 7.50 -15.98 0.81
C ASN B 284 7.29 -16.95 2.00
N GLN B 285 7.69 -18.20 1.87
CA GLN B 285 7.55 -19.18 2.96
CA GLN B 285 7.42 -19.10 3.02
C GLN B 285 8.41 -18.77 4.15
N PHE B 286 9.63 -18.35 3.84
CA PHE B 286 10.57 -17.84 4.86
C PHE B 286 9.95 -16.66 5.60
N ALA B 287 9.36 -15.71 4.87
CA ALA B 287 8.69 -14.58 5.52
C ALA B 287 7.62 -15.04 6.51
N LYS B 288 6.78 -15.99 6.08
CA LYS B 288 5.69 -16.44 6.96
C LYS B 288 6.28 -17.10 8.20
N GLN B 289 7.31 -17.91 8.03
CA GLN B 289 7.91 -18.63 9.15
C GLN B 289 8.50 -17.64 10.14
N VAL B 290 9.30 -16.71 9.65
CA VAL B 290 9.94 -15.73 10.57
C VAL B 290 8.86 -14.90 11.24
N HIS B 291 7.87 -14.50 10.49
CA HIS B 291 6.83 -13.65 11.08
C HIS B 291 6.09 -14.38 12.20
N SER B 292 5.65 -15.61 11.93
CA SER B 292 4.99 -16.41 12.97
C SER B 292 5.86 -16.60 14.20
N SER B 293 7.17 -16.74 13.95
CA SER B 293 8.11 -16.96 15.06
C SER B 293 8.05 -15.85 16.09
N MET B 294 7.64 -14.67 15.66
CA MET B 294 7.60 -13.50 16.51
C MET B 294 6.50 -13.58 17.54
N HIS B 295 5.58 -14.54 17.43
CA HIS B 295 4.60 -14.76 18.52
C HIS B 295 5.32 -15.38 19.71
N ARG B 296 6.58 -15.74 19.63
CA ARG B 296 7.34 -16.11 20.83
C ARG B 296 7.64 -14.88 21.66
N GLY B 297 8.14 -13.84 21.00
CA GLY B 297 8.57 -12.64 21.69
C GLY B 297 7.53 -11.55 21.84
N ILE B 298 6.41 -11.68 21.14
CA ILE B 298 5.33 -10.69 21.24
C ILE B 298 4.02 -11.46 21.45
N GLN B 299 3.29 -11.20 22.53
CA GLN B 299 2.15 -12.05 22.83
C GLN B 299 1.03 -11.23 23.42
N PRO B 300 -0.21 -11.38 22.92
CA PRO B 300 -0.57 -12.02 21.66
C PRO B 300 0.06 -11.26 20.49
N PHE B 301 -0.08 -11.85 19.32
CA PHE B 301 0.49 -11.33 18.08
C PHE B 301 -0.43 -11.72 16.94
N HIS B 302 -0.34 -11.01 15.82
CA HIS B 302 -1.16 -11.31 14.65
C HIS B 302 -2.65 -11.21 15.02
N THR B 303 -3.02 -10.25 15.82
CA THR B 303 -4.39 -10.08 16.28
C THR B 303 -5.15 -9.17 15.34
N ASP B 304 -6.46 -9.19 15.45
CA ASP B 304 -7.30 -8.28 14.65
C ASP B 304 -7.02 -6.84 14.98
N MET B 305 -6.57 -6.59 16.19
CA MET B 305 -6.28 -5.24 16.61
CA MET B 305 -6.28 -5.19 16.58
C MET B 305 -4.89 -4.72 16.10
N ASP B 306 -4.06 -5.59 15.64
CA ASP B 306 -2.69 -5.32 15.20
C ASP B 306 -2.61 -5.14 13.69
N GLY B 307 -1.65 -4.40 13.21
CA GLY B 307 -1.27 -4.26 11.80
C GLY B 307 0.12 -4.77 11.60
N ASP B 308 0.35 -6.05 11.74
CA ASP B 308 1.69 -6.64 11.69
C ASP B 308 2.11 -6.89 10.25
N THR B 309 3.24 -6.29 9.87
CA THR B 309 3.78 -6.37 8.52
C THR B 309 5.24 -6.68 8.60
N LEU B 310 5.66 -7.81 8.02
CA LEU B 310 7.06 -8.19 7.88
C LEU B 310 7.45 -8.20 6.43
N PHE B 311 8.62 -7.64 6.14
CA PHE B 311 9.29 -7.70 4.85
C PHE B 311 10.44 -8.64 4.92
N ALA B 312 10.50 -9.65 4.08
CA ALA B 312 11.65 -10.55 3.97
C ALA B 312 12.36 -10.20 2.68
N VAL B 313 13.62 -9.83 2.80
CA VAL B 313 14.40 -9.27 1.69
C VAL B 313 15.63 -10.15 1.49
N THR B 314 15.91 -10.52 0.26
CA THR B 314 17.18 -11.20 -0.06
C THR B 314 17.96 -10.37 -1.05
N THR B 315 19.24 -10.19 -0.77
CA THR B 315 20.15 -9.52 -1.72
C THR B 315 20.74 -10.51 -2.69
N ASP B 316 20.38 -11.79 -2.62
CA ASP B 316 20.69 -12.74 -3.72
C ASP B 316 22.21 -12.81 -3.98
N GLU B 317 23.03 -12.91 -2.94
CA GLU B 317 24.49 -12.91 -3.08
C GLU B 317 25.09 -14.30 -2.96
N ILE B 318 24.51 -15.19 -2.17
CA ILE B 318 25.14 -16.49 -1.95
CA ILE B 318 25.15 -16.52 -1.97
C ILE B 318 24.09 -17.62 -2.04
N ASP B 319 24.48 -18.74 -2.60
CA ASP B 319 23.61 -19.91 -2.83
C ASP B 319 23.65 -20.87 -1.63
N LEU B 320 22.47 -21.36 -1.22
CA LEU B 320 22.37 -22.61 -0.40
C LEU B 320 22.97 -23.73 -1.24
N PRO B 321 23.58 -24.77 -0.61
CA PRO B 321 23.98 -25.94 -1.35
C PRO B 321 22.74 -26.66 -1.98
N THR B 322 22.96 -27.32 -3.08
CA THR B 322 21.95 -28.08 -3.84
C THR B 322 21.34 -29.17 -2.98
N THR B 323 22.10 -29.74 -2.06
CA THR B 323 21.54 -30.83 -1.25
C THR B 323 21.57 -30.32 0.19
N PRO B 324 20.59 -30.69 1.06
CA PRO B 324 20.46 -30.10 2.40
C PRO B 324 21.18 -30.72 3.62
N GLY B 325 22.11 -31.62 3.38
CA GLY B 325 22.73 -32.44 4.43
C GLY B 325 23.92 -31.75 5.06
N SER B 326 24.25 -32.17 6.26
CA SER B 326 25.46 -31.80 7.02
C SER B 326 25.66 -32.90 8.05
N SER B 327 26.73 -32.82 8.83
CA SER B 327 26.92 -33.79 9.92
C SER B 327 25.84 -33.60 11.02
N ARG B 328 25.03 -32.53 10.95
CA ARG B 328 23.96 -32.30 11.96
C ARG B 328 22.65 -32.76 11.40
N GLY B 329 22.59 -33.30 10.19
CA GLY B 329 21.37 -33.97 9.71
C GLY B 329 21.11 -33.85 8.22
N ARG B 330 20.32 -34.78 7.74
CA ARG B 330 19.94 -34.90 6.31
C ARG B 330 19.16 -33.66 5.87
N LEU B 331 18.44 -33.00 6.76
CA LEU B 331 17.55 -31.88 6.38
C LEU B 331 18.01 -30.70 7.24
N SER B 332 19.28 -30.33 7.16
CA SER B 332 19.84 -29.29 8.06
C SER B 332 20.25 -28.00 7.33
N VAL B 333 20.40 -27.99 6.01
CA VAL B 333 20.87 -26.75 5.31
C VAL B 333 19.88 -26.43 4.18
N ASN B 334 18.91 -25.56 4.45
CA ASN B 334 17.83 -25.17 3.49
C ASN B 334 17.26 -23.87 4.00
N ALA B 335 16.23 -23.38 3.30
CA ALA B 335 15.63 -22.11 3.66
C ALA B 335 14.86 -22.19 5.01
N THR B 336 14.31 -23.35 5.35
CA THR B 336 13.67 -23.54 6.67
C THR B 336 14.73 -23.34 7.79
N ALA B 337 15.89 -23.92 7.58
CA ALA B 337 17.00 -23.80 8.54
C ALA B 337 17.39 -22.33 8.67
N LEU B 338 17.51 -21.66 7.54
CA LEU B 338 17.82 -20.20 7.54
C LEU B 338 16.72 -19.47 8.28
N GLY B 339 15.46 -19.83 8.05
CA GLY B 339 14.33 -19.23 8.74
C GLY B 339 14.44 -19.38 10.25
N ALA B 340 14.85 -20.54 10.70
CA ALA B 340 15.00 -20.75 12.15
C ALA B 340 16.09 -19.84 12.71
N ILE B 341 17.20 -19.75 12.02
CA ILE B 341 18.30 -18.87 12.47
C ILE B 341 17.82 -17.41 12.48
N ALA B 342 17.18 -17.00 11.38
CA ALA B 342 16.69 -15.62 11.28
C ALA B 342 15.66 -15.28 12.36
N SER B 343 14.87 -16.29 12.74
CA SER B 343 13.86 -16.11 13.79
C SER B 343 14.56 -15.71 15.08
N GLU B 344 15.70 -16.28 15.38
CA GLU B 344 16.43 -15.91 16.61
C GLU B 344 16.99 -14.50 16.50
N VAL B 345 17.51 -14.14 15.35
CA VAL B 345 17.97 -12.74 15.14
C VAL B 345 16.83 -11.79 15.38
N MET B 346 15.65 -12.12 14.86
CA MET B 346 14.50 -11.23 15.05
C MET B 346 14.10 -11.16 16.53
N TRP B 347 14.11 -12.27 17.24
CA TRP B 347 13.74 -12.18 18.66
C TRP B 347 14.73 -11.23 19.37
N ASP B 348 16.01 -11.37 19.05
CA ASP B 348 16.99 -10.44 19.65
C ASP B 348 16.66 -9.00 19.32
N ALA B 349 16.26 -8.71 18.11
CA ALA B 349 15.90 -7.33 17.74
C ALA B 349 14.68 -6.86 18.52
N VAL B 350 13.68 -7.73 18.72
CA VAL B 350 12.51 -7.35 19.52
C VAL B 350 12.95 -7.01 20.95
N LEU B 351 13.84 -7.82 21.51
CA LEU B 351 14.30 -7.53 22.88
C LEU B 351 15.13 -6.25 22.94
N GLU B 352 15.89 -5.94 21.90
CA GLU B 352 16.57 -4.65 21.86
C GLU B 352 15.56 -3.51 21.84
N ALA B 353 14.47 -3.65 21.09
CA ALA B 353 13.44 -2.58 21.07
C ALA B 353 12.81 -2.38 22.43
N GLY B 354 12.57 -3.48 23.18
CA GLY B 354 11.98 -3.41 24.50
C GLY B 354 12.94 -3.09 25.63
N LYS B 355 14.23 -3.16 25.38
CA LYS B 355 15.23 -2.99 26.46
C LYS B 355 15.04 -1.68 27.21
C1 GOL C . 3.23 1.57 -10.36
O1 GOL C . 2.64 1.75 -11.69
C2 GOL C . 4.37 0.56 -10.30
O2 GOL C . 3.92 -0.82 -10.18
C3 GOL C . 5.40 1.06 -9.25
O3 GOL C . 6.15 2.28 -9.70
H11 GOL C . 2.52 1.27 -9.74
H12 GOL C . 3.57 2.45 -10.04
HO1 GOL C . 2.02 2.35 -11.64
H2 GOL C . 4.83 0.62 -11.17
HO2 GOL C . 4.34 -1.10 -9.58
H31 GOL C . 6.05 0.33 -9.08
H32 GOL C . 4.93 1.26 -8.40
HO3 GOL C . 6.06 2.36 -10.53
C1 GOL D . 1.84 0.09 -18.01
O1 GOL D . 0.49 -0.39 -18.26
C2 GOL D . 2.82 -1.05 -17.70
O2 GOL D . 2.68 -2.18 -18.59
C3 GOL D . 2.64 -1.52 -16.28
O3 GOL D . 1.43 -2.26 -16.19
H11 GOL D . 1.81 0.70 -17.24
H12 GOL D . 2.16 0.58 -18.79
HO1 GOL D . 0.00 0.28 -18.43
H2 GOL D . 3.74 -0.70 -17.79
HO2 GOL D . 2.52 -2.85 -18.12
H31 GOL D . 2.60 -0.75 -15.67
H32 GOL D . 3.39 -2.10 -16.01
HO3 GOL D . 1.26 -2.59 -16.95
C1 GOL E . -11.83 -12.50 -28.90
O1 GOL E . -11.68 -13.82 -29.43
C2 GOL E . -13.13 -11.82 -29.34
O2 GOL E . -12.92 -11.49 -30.70
C3 GOL E . -13.47 -10.59 -28.49
O3 GOL E . -14.12 -10.91 -27.21
H11 GOL E . -11.07 -11.94 -29.19
H12 GOL E . -11.82 -12.55 -27.91
HO1 GOL E . -10.95 -14.14 -29.14
H2 GOL E . -13.87 -12.46 -29.27
HO2 GOL E . -13.02 -10.65 -30.79
H31 GOL E . -14.06 -10.00 -29.01
H32 GOL E . -12.63 -10.09 -28.31
HO3 GOL E . -14.50 -11.65 -27.28
C1 GOL F . -7.65 -16.23 -32.35
O1 GOL F . -6.69 -16.84 -31.49
C2 GOL F . -9.08 -16.40 -31.96
O2 GOL F . -9.42 -17.77 -31.72
C3 GOL F . -9.97 -15.73 -32.97
O3 GOL F . -11.34 -16.01 -32.74
H11 GOL F . -7.53 -16.59 -33.26
H12 GOL F . -7.45 -15.26 -32.38
HO1 GOL F . -5.92 -16.68 -31.79
H2 GOL F . -9.20 -15.93 -31.10
HO2 GOL F . -10.09 -17.97 -32.20
H31 GOL F . -9.73 -16.04 -33.87
H32 GOL F . -9.82 -14.75 -32.92
HO3 GOL F . -11.40 -16.62 -32.16
C1 GOL G . 8.28 -4.82 -9.61
O1 GOL G . 8.66 -6.18 -9.73
C2 GOL G . 6.85 -4.69 -10.05
O2 GOL G . 6.08 -5.39 -9.08
C3 GOL G . 6.43 -3.25 -10.21
O3 GOL G . 7.47 -2.53 -10.87
H11 GOL G . 8.86 -4.26 -10.19
H12 GOL G . 8.37 -4.53 -8.67
HO1 GOL G . 9.48 -6.26 -9.50
H2 GOL G . 6.75 -5.14 -10.92
HO2 GOL G . 5.54 -4.91 -8.76
H31 GOL G . 6.26 -2.85 -9.31
H32 GOL G . 5.60 -3.20 -10.74
HO3 GOL G . 7.61 -2.89 -11.62
S SO4 H . -23.28 -6.83 7.53
O1 SO4 H . -23.63 -8.26 7.35
O2 SO4 H . -23.93 -6.37 8.76
O3 SO4 H . -21.84 -6.67 7.67
O4 SO4 H . -23.78 -6.05 6.43
S SO4 I . 2.86 20.26 -0.39
O1 SO4 I . 3.61 19.17 -0.98
O2 SO4 I . 1.46 19.88 -0.14
O3 SO4 I . 3.50 20.64 0.87
O4 SO4 I . 2.88 21.39 -1.31
C1 GOL J . -2.17 2.82 10.32
O1 GOL J . -1.64 2.15 11.48
C2 GOL J . -3.42 2.25 9.71
O2 GOL J . -3.87 3.17 8.70
C3 GOL J . -4.41 2.03 10.82
O3 GOL J . -5.44 1.20 10.35
H11 GOL J . -1.47 2.85 9.62
H12 GOL J . -2.36 3.76 10.57
HO1 GOL J . -0.91 2.61 11.72
H2 GOL J . -3.20 1.38 9.30
HO2 GOL J . -4.64 3.42 8.93
H31 GOL J . -4.78 2.89 11.11
H32 GOL J . -3.97 1.60 11.58
HO3 GOL J . -5.03 0.42 10.12
C1 GOL K . -9.71 0.18 9.58
O1 GOL K . -10.94 -0.53 9.33
C2 GOL K . -8.57 -0.34 8.73
O2 GOL K . -8.75 -1.74 8.58
C3 GOL K . -7.20 -0.08 9.33
O3 GOL K . -6.09 -0.76 8.58
H11 GOL K . -9.47 0.08 10.55
H12 GOL K . -9.84 1.15 9.39
HO1 GOL K . -11.55 -0.28 9.77
H2 GOL K . -8.61 0.10 7.85
HO2 GOL K . -8.10 -2.16 8.93
H31 GOL K . -7.20 -0.43 10.31
H32 GOL K . -7.06 0.94 9.35
HO3 GOL K . -6.55 -1.11 7.80
C1 GOL L . -4.26 -1.02 18.10
O1 GOL L . -5.33 -0.11 18.38
C2 GOL L . -3.34 -0.54 17.00
O2 GOL L . -2.83 -1.65 16.17
C3 GOL L . -2.09 0.19 17.55
O3 GOL L . -1.09 -0.71 18.08
H11 GOL L . -4.65 -1.90 17.85
H12 GOL L . -3.73 -1.16 18.93
HO1 GOL L . -5.83 -0.43 18.99
H2 GOL L . -3.84 0.08 16.42
HO2 GOL L . -2.00 -1.67 16.21
H31 GOL L . -2.38 0.80 18.27
H32 GOL L . -1.69 0.73 16.84
HO3 GOL L . -1.41 -1.50 18.08
S SO4 M . 15.79 -18.08 -8.12
O1 SO4 M . 15.66 -19.52 -7.84
O2 SO4 M . 14.44 -17.49 -8.46
O3 SO4 M . 16.41 -17.41 -6.94
O4 SO4 M . 16.67 -17.87 -9.28
#